data_5TTJ
#
_entry.id   5TTJ
#
_cell.length_a   67.973
_cell.length_b   61.564
_cell.length_c   92.277
_cell.angle_alpha   90.00
_cell.angle_beta   92.51
_cell.angle_gamma   90.00
#
_symmetry.space_group_name_H-M   'P 1 21 1'
#
loop_
_entity.id
_entity.type
_entity.pdbx_description
1 polymer 'Amine oxidase'
2 non-polymer 'FLAVIN-ADENINE DINUCLEOTIDE'
3 water water
#
_entity_poly.entity_id   1
_entity_poly.type   'polypeptide(L)'
_entity_poly.pdbx_seq_one_letter_code
;MSDKTKTNEGFSRRSFIGSAAVVTAGVAGLGAIDAASATQKTNRASTVKGGFDYDVVVVGGGFAGATAARECGLQGYRTL
LLEARSRLGGRTFTSRFAGQEIEFGGAWVHWLQPHVWAEMQRYGLGVVEDPLTNLDKTLIMYNDGSVESISPDEFGKNIR
IAFEKLCHDAWEVFPRPHEPMFTERARELDKSSVLDRIKTLGLSRLQQAQINSYMALYAGETTDKFGLPGVLKLFACGGW
NYDAFMDTETHYRIQGGTIGLINAMLTDSGAEVRMSVPVTAVEQVNGGVKIKTDDDEIITAGVVVMTVPLNTYKHIGFTP
ALSKGKQRFIKEGQLSKGAKLYVHVKQNLGRVFAFADEQQPLNWVQTHDYSDELGTILSITIARKETIDVNDRDAVTREV
QKMFPGVEVLGTAAYDWTADPFSLGAWAAYGVGQLSRLKDLQAAEGRILFAGAETSNGWHANIDGAVESGLRAGREVKQL
LSLEHHHHHH
;
_entity_poly.pdbx_strand_id   A,B
#
loop_
_chem_comp.id
_chem_comp.type
_chem_comp.name
_chem_comp.formula
FAD non-polymer 'FLAVIN-ADENINE DINUCLEOTIDE' 'C27 H33 N9 O15 P2'
#
# COMPACT_ATOMS: atom_id res chain seq x y z
N GLY A 51 -33.59 -5.34 12.27
CA GLY A 51 -33.47 -6.59 11.55
C GLY A 51 -32.03 -7.01 11.31
N PHE A 52 -31.17 -6.69 12.27
CA PHE A 52 -29.76 -6.98 12.16
C PHE A 52 -29.32 -8.01 13.19
N ASP A 53 -28.20 -8.66 12.92
CA ASP A 53 -27.61 -9.56 13.90
C ASP A 53 -27.16 -8.79 15.14
N TYR A 54 -26.72 -7.55 14.97
CA TYR A 54 -26.11 -6.78 16.05
C TYR A 54 -26.50 -5.33 15.92
N ASP A 55 -26.50 -4.62 17.04
CA ASP A 55 -26.58 -3.18 16.97
C ASP A 55 -25.27 -2.59 16.47
N VAL A 56 -24.15 -3.14 16.95
CA VAL A 56 -22.81 -2.61 16.71
C VAL A 56 -21.90 -3.75 16.33
N VAL A 57 -21.17 -3.59 15.24
CA VAL A 57 -20.02 -4.42 14.94
C VAL A 57 -18.77 -3.54 15.03
N VAL A 58 -17.80 -3.99 15.81
CA VAL A 58 -16.52 -3.32 15.94
C VAL A 58 -15.48 -4.17 15.22
N VAL A 59 -14.79 -3.59 14.26
CA VAL A 59 -13.81 -4.32 13.46
C VAL A 59 -12.43 -4.05 14.04
N GLY A 60 -11.83 -5.09 14.62
CA GLY A 60 -10.48 -5.02 15.15
C GLY A 60 -10.44 -5.10 16.66
N GLY A 61 -9.59 -5.99 17.19
CA GLY A 61 -9.49 -6.22 18.62
C GLY A 61 -8.26 -5.62 19.27
N GLY A 62 -7.83 -4.44 18.79
CA GLY A 62 -6.83 -3.66 19.48
C GLY A 62 -7.46 -2.80 20.57
N PHE A 63 -6.67 -1.84 21.07
CA PHE A 63 -7.18 -0.96 22.13
C PHE A 63 -8.34 -0.10 21.64
N ALA A 64 -8.27 0.36 20.38
CA ALA A 64 -9.34 1.20 19.85
C ALA A 64 -10.65 0.43 19.74
N GLY A 65 -10.59 -0.82 19.26
CA GLY A 65 -11.79 -1.62 19.17
C GLY A 65 -12.30 -2.08 20.52
N ALA A 66 -11.40 -2.49 21.40
CA ALA A 66 -11.81 -2.90 22.73
C ALA A 66 -12.48 -1.74 23.47
N THR A 67 -11.95 -0.53 23.31
CA THR A 67 -12.56 0.62 23.96
C THR A 67 -13.91 0.94 23.34
N ALA A 68 -14.00 0.91 22.01
CA ALA A 68 -15.29 1.19 21.38
C ALA A 68 -16.31 0.15 21.78
N ALA A 69 -15.91 -1.12 21.85
CA ALA A 69 -16.84 -2.17 22.25
C ALA A 69 -17.33 -1.94 23.68
N ARG A 70 -16.43 -1.51 24.58
CA ARG A 70 -16.83 -1.31 25.97
C ARG A 70 -17.83 -0.16 26.09
N GLU A 71 -17.61 0.93 25.35
CA GLU A 71 -18.56 2.05 25.36
C GLU A 71 -19.93 1.62 24.83
N CYS A 72 -19.94 0.94 23.68
CA CYS A 72 -21.19 0.49 23.07
C CYS A 72 -21.89 -0.56 23.94
N GLY A 73 -21.12 -1.52 24.45
CA GLY A 73 -21.74 -2.56 25.26
C GLY A 73 -22.39 -2.01 26.52
N LEU A 74 -21.73 -1.08 27.20
CA LEU A 74 -22.30 -0.53 28.43
C LEU A 74 -23.52 0.35 28.17
N GLN A 75 -23.78 0.76 26.94
CA GLN A 75 -25.01 1.49 26.62
C GLN A 75 -26.16 0.56 26.31
N GLY A 76 -25.95 -0.74 26.37
CA GLY A 76 -26.99 -1.71 26.10
C GLY A 76 -27.04 -2.22 24.68
N TYR A 77 -26.19 -1.71 23.79
CA TYR A 77 -26.23 -2.18 22.41
C TYR A 77 -25.68 -3.59 22.30
N ARG A 78 -26.38 -4.43 21.55
CA ARG A 78 -25.87 -5.75 21.19
C ARG A 78 -24.67 -5.57 20.26
N THR A 79 -23.50 -5.97 20.74
CA THR A 79 -22.23 -5.61 20.14
C THR A 79 -21.41 -6.84 19.79
N LEU A 80 -20.78 -6.79 18.62
CA LEU A 80 -19.87 -7.84 18.17
C LEU A 80 -18.54 -7.22 17.77
N LEU A 81 -17.44 -7.87 18.15
CA LEU A 81 -16.12 -7.47 17.71
C LEU A 81 -15.51 -8.56 16.84
N LEU A 82 -15.10 -8.18 15.64
CA LEU A 82 -14.46 -9.07 14.68
C LEU A 82 -12.98 -8.71 14.59
N GLU A 83 -12.14 -9.69 14.93
CA GLU A 83 -10.69 -9.56 14.86
C GLU A 83 -10.16 -10.48 13.76
N ALA A 84 -9.31 -9.93 12.88
CA ALA A 84 -8.75 -10.72 11.78
C ALA A 84 -7.76 -11.75 12.29
N ARG A 85 -6.81 -11.35 13.16
CA ARG A 85 -5.88 -12.34 13.66
C ARG A 85 -6.58 -13.32 14.60
N SER A 86 -5.85 -14.39 14.95
CA SER A 86 -6.28 -15.37 15.93
C SER A 86 -5.88 -14.97 17.36
N ARG A 87 -5.78 -13.67 17.61
CA ARG A 87 -5.43 -13.13 18.91
C ARG A 87 -5.94 -11.70 18.97
N LEU A 88 -6.13 -11.21 20.19
CA LEU A 88 -6.46 -9.81 20.41
C LEU A 88 -5.16 -9.05 20.64
N GLY A 89 -5.26 -7.73 20.80
CA GLY A 89 -4.13 -6.88 21.11
C GLY A 89 -3.65 -6.04 19.94
N GLY A 90 -3.78 -6.55 18.72
CA GLY A 90 -3.35 -5.75 17.57
C GLY A 90 -1.87 -5.44 17.64
N ARG A 91 -1.54 -4.14 17.55
CA ARG A 91 -0.14 -3.73 17.63
C ARG A 91 0.40 -3.69 19.04
N THR A 92 -0.33 -4.24 20.03
CA THR A 92 0.27 -4.66 21.30
C THR A 92 0.26 -6.18 21.37
N PHE A 93 1.37 -6.77 21.81
CA PHE A 93 1.48 -8.23 21.80
C PHE A 93 2.62 -8.64 22.72
N THR A 94 2.27 -9.31 23.82
CA THR A 94 3.20 -9.80 24.80
C THR A 94 3.48 -11.27 24.52
N SER A 95 4.75 -11.65 24.53
CA SER A 95 5.17 -13.00 24.15
C SER A 95 6.23 -13.48 25.14
N ARG A 96 6.97 -14.51 24.74
CA ARG A 96 8.00 -15.14 25.56
C ARG A 96 9.26 -15.39 24.73
N PHE A 97 10.42 -15.12 25.32
CA PHE A 97 11.68 -15.37 24.64
C PHE A 97 12.75 -15.61 25.69
N ALA A 98 13.58 -16.63 25.42
CA ALA A 98 14.69 -17.02 26.30
C ALA A 98 14.23 -17.10 27.76
N GLY A 99 13.07 -17.70 27.97
CA GLY A 99 12.60 -17.91 29.33
C GLY A 99 12.08 -16.67 30.02
N GLN A 100 11.74 -15.62 29.27
CA GLN A 100 11.34 -14.36 29.89
C GLN A 100 10.28 -13.69 29.02
N GLU A 101 9.46 -12.86 29.67
CA GLU A 101 8.42 -12.11 28.97
C GLU A 101 9.03 -10.98 28.16
N ILE A 102 8.53 -10.80 26.93
CA ILE A 102 8.95 -9.72 26.03
C ILE A 102 7.73 -9.08 25.38
N GLU A 103 7.87 -7.79 25.06
CA GLU A 103 6.84 -7.03 24.37
C GLU A 103 7.22 -6.86 22.91
N PHE A 104 6.47 -7.50 22.01
CA PHE A 104 6.73 -7.36 20.58
C PHE A 104 6.15 -6.07 19.98
N GLY A 105 5.16 -5.47 20.62
CA GLY A 105 4.54 -4.26 20.10
C GLY A 105 4.46 -3.20 21.19
N GLY A 106 3.35 -2.46 21.18
CA GLY A 106 3.15 -1.42 22.19
C GLY A 106 2.99 -1.98 23.58
N ALA A 107 3.53 -1.26 24.57
CA ALA A 107 3.36 -1.73 25.94
C ALA A 107 3.44 -0.65 27.02
N TRP A 108 4.11 0.46 26.74
CA TRP A 108 4.48 1.43 27.77
C TRP A 108 3.51 2.62 27.81
N VAL A 109 3.09 2.99 29.03
CA VAL A 109 2.04 3.97 29.28
C VAL A 109 2.53 4.97 30.32
N HIS A 110 1.71 5.99 30.59
CA HIS A 110 2.11 7.00 31.56
C HIS A 110 0.86 7.76 31.97
N TRP A 111 0.91 8.38 33.17
CA TRP A 111 -0.24 9.15 33.66
C TRP A 111 -0.42 10.46 32.93
N LEU A 112 0.61 10.96 32.24
CA LEU A 112 0.39 12.07 31.32
C LEU A 112 -0.43 11.68 30.11
N GLN A 113 -0.70 10.39 29.89
CA GLN A 113 -1.53 9.99 28.76
C GLN A 113 -2.95 9.81 29.27
N PRO A 114 -3.84 10.77 29.04
CA PRO A 114 -5.07 10.84 29.85
C PRO A 114 -6.03 9.70 29.66
N HIS A 115 -6.21 9.21 28.42
CA HIS A 115 -7.28 8.25 28.17
C HIS A 115 -6.93 6.85 28.68
N VAL A 116 -5.71 6.38 28.43
CA VAL A 116 -5.34 5.07 28.96
C VAL A 116 -5.24 5.11 30.49
N TRP A 117 -4.77 6.24 31.06
CA TRP A 117 -4.62 6.33 32.51
C TRP A 117 -5.98 6.28 33.22
N ALA A 118 -6.99 6.95 32.65
CA ALA A 118 -8.32 6.90 33.23
C ALA A 118 -8.87 5.48 33.25
N GLU A 119 -8.59 4.70 32.18
CA GLU A 119 -9.06 3.32 32.12
C GLU A 119 -8.36 2.47 33.17
N MET A 120 -7.06 2.67 33.33
CA MET A 120 -6.32 1.95 34.35
C MET A 120 -6.93 2.20 35.73
N GLN A 121 -7.44 3.41 35.97
CA GLN A 121 -8.07 3.71 37.26
C GLN A 121 -9.47 3.14 37.33
N ARG A 122 -10.19 3.07 36.20
CA ARG A 122 -11.47 2.38 36.20
C ARG A 122 -11.30 0.90 36.55
N TYR A 123 -10.28 0.25 36.01
CA TYR A 123 -10.08 -1.17 36.26
C TYR A 123 -9.05 -1.45 37.34
N GLY A 124 -8.58 -0.42 38.03
CA GLY A 124 -7.70 -0.62 39.15
C GLY A 124 -6.40 -1.30 38.80
N LEU A 125 -5.78 -0.92 37.69
CA LEU A 125 -4.49 -1.48 37.32
C LEU A 125 -3.42 -0.45 37.62
N GLY A 126 -2.36 -0.90 38.28
CA GLY A 126 -1.23 -0.04 38.57
C GLY A 126 -0.22 -0.10 37.45
N VAL A 127 0.93 0.50 37.71
CA VAL A 127 2.01 0.45 36.75
C VAL A 127 3.00 -0.62 37.19
N VAL A 128 3.80 -1.08 36.23
CA VAL A 128 4.89 -2.00 36.49
C VAL A 128 6.12 -1.31 35.92
N GLU A 129 6.97 -0.82 36.81
CA GLU A 129 8.10 0.00 36.40
C GLU A 129 9.22 -0.82 35.78
N ASP A 130 9.77 -0.29 34.70
CA ASP A 130 11.05 -0.70 34.17
C ASP A 130 12.10 0.18 34.81
N PRO A 131 12.82 -0.28 35.83
CA PRO A 131 13.87 0.59 36.39
C PRO A 131 14.90 0.84 35.30
N LEU A 132 15.16 2.12 35.03
CA LEU A 132 16.00 2.45 33.88
C LEU A 132 17.48 2.41 34.20
N THR A 133 17.83 2.41 35.49
CA THR A 133 19.18 2.18 36.00
C THR A 133 20.19 3.21 35.49
N ASN A 134 21.42 3.08 35.97
CA ASN A 134 22.55 3.78 35.37
C ASN A 134 23.10 2.89 34.26
N LEU A 135 23.12 3.41 33.04
CA LEU A 135 23.57 2.61 31.91
C LEU A 135 25.07 2.38 31.98
N ASP A 136 25.49 1.16 31.65
CA ASP A 136 26.90 0.86 31.54
C ASP A 136 27.50 1.37 30.23
N LYS A 137 26.74 1.30 29.13
CA LYS A 137 27.26 1.70 27.83
C LYS A 137 26.18 2.41 27.05
N THR A 138 26.57 3.49 26.35
CA THR A 138 25.75 4.14 25.34
C THR A 138 26.53 4.25 24.03
N LEU A 139 25.96 3.73 22.95
CA LEU A 139 26.65 3.69 21.67
C LEU A 139 25.85 4.48 20.63
N ILE A 140 26.58 5.04 19.66
CA ILE A 140 25.98 5.61 18.46
C ILE A 140 26.63 4.92 17.26
N MET A 141 25.81 4.47 16.32
CA MET A 141 26.28 3.96 15.04
C MET A 141 25.82 4.91 13.94
N TYR A 142 26.78 5.48 13.22
CA TYR A 142 26.52 6.44 12.16
C TYR A 142 26.12 5.72 10.88
N ASN A 143 25.64 6.50 9.91
CA ASN A 143 25.21 5.94 8.63
C ASN A 143 26.31 5.11 7.97
N ASP A 144 27.56 5.56 8.06
CA ASP A 144 28.68 4.82 7.49
C ASP A 144 28.97 3.49 8.21
N GLY A 145 28.34 3.24 9.35
CA GLY A 145 28.54 2.00 10.06
C GLY A 145 29.55 2.02 11.18
N SER A 146 30.24 3.15 11.39
CA SER A 146 31.18 3.21 12.49
C SER A 146 30.43 3.38 13.79
N VAL A 147 30.86 2.65 14.81
CA VAL A 147 30.26 2.64 16.13
C VAL A 147 31.18 3.42 17.06
N GLU A 148 30.58 4.25 17.90
CA GLU A 148 31.34 5.05 18.85
C GLU A 148 30.71 4.94 20.22
N SER A 149 31.56 4.76 21.23
CA SER A 149 31.14 4.61 22.62
C SER A 149 31.22 5.96 23.32
N ILE A 150 30.11 6.41 23.88
CA ILE A 150 30.02 7.70 24.53
C ILE A 150 29.75 7.49 26.01
N SER A 151 30.30 8.36 26.85
CA SER A 151 29.97 8.30 28.27
C SER A 151 28.46 8.55 28.42
N PRO A 152 27.74 7.71 29.17
CA PRO A 152 26.27 7.86 29.22
C PRO A 152 25.80 9.25 29.60
N ASP A 153 26.52 9.96 30.49
CA ASP A 153 26.10 11.30 30.85
C ASP A 153 26.26 12.31 29.71
N GLU A 154 27.33 12.19 28.92
CA GLU A 154 27.46 13.09 27.77
C GLU A 154 26.56 12.65 26.62
N PHE A 155 26.32 11.35 26.52
CA PHE A 155 25.34 10.84 25.57
C PHE A 155 23.96 11.41 25.89
N GLY A 156 23.57 11.37 27.16
CA GLY A 156 22.26 11.89 27.55
C GLY A 156 22.16 13.40 27.37
N LYS A 157 23.25 14.11 27.62
CA LYS A 157 23.23 15.57 27.49
C LYS A 157 23.03 15.98 26.04
N ASN A 158 23.71 15.29 25.12
CA ASN A 158 23.62 15.65 23.71
C ASN A 158 22.28 15.27 23.09
N ILE A 159 21.65 14.17 23.52
CA ILE A 159 20.31 13.92 23.00
C ILE A 159 19.33 14.97 23.52
N ARG A 160 19.50 15.41 24.77
CA ARG A 160 18.58 16.40 25.29
C ARG A 160 18.73 17.73 24.57
N ILE A 161 19.98 18.14 24.28
CA ILE A 161 20.21 19.36 23.51
C ILE A 161 19.54 19.28 22.15
N ALA A 162 19.75 18.17 21.45
CA ALA A 162 19.17 18.01 20.13
C ALA A 162 17.66 17.98 20.18
N PHE A 163 17.10 17.23 21.13
CA PHE A 163 15.66 17.11 21.22
C PHE A 163 15.02 18.44 21.58
N GLU A 164 15.58 19.15 22.56
CA GLU A 164 14.99 20.43 22.95
C GLU A 164 15.13 21.48 21.87
N LYS A 165 16.22 21.43 21.08
CA LYS A 165 16.30 22.31 19.91
C LYS A 165 15.25 21.94 18.87
N LEU A 166 15.03 20.64 18.65
CA LEU A 166 14.05 20.21 17.67
C LEU A 166 12.64 20.67 18.02
N CYS A 167 12.29 20.61 19.31
CA CYS A 167 10.95 20.95 19.79
C CYS A 167 10.89 22.33 20.46
N HIS A 168 11.80 23.23 20.09
CA HIS A 168 11.91 24.52 20.76
C HIS A 168 10.62 25.32 20.72
N ASP A 169 9.81 25.16 19.68
CA ASP A 169 8.62 25.99 19.49
C ASP A 169 7.32 25.25 19.81
N ALA A 170 7.38 24.17 20.60
CA ALA A 170 6.20 23.34 20.81
C ALA A 170 5.08 24.12 21.48
N TRP A 171 5.42 25.01 22.41
CA TRP A 171 4.39 25.80 23.07
C TRP A 171 3.64 26.65 22.06
N GLU A 172 4.36 27.30 21.15
CA GLU A 172 3.72 28.21 20.21
C GLU A 172 2.94 27.48 19.15
N VAL A 173 3.49 26.37 18.65
CA VAL A 173 2.82 25.63 17.59
C VAL A 173 1.64 24.85 18.16
N PHE A 174 1.82 24.21 19.31
CA PHE A 174 0.79 23.37 19.93
C PHE A 174 0.47 23.82 21.35
N PRO A 175 -0.09 25.02 21.51
CA PRO A 175 -0.66 25.38 22.82
C PRO A 175 -1.72 24.40 23.27
N ARG A 176 -2.44 23.80 22.32
CA ARG A 176 -3.50 22.82 22.57
C ARG A 176 -3.17 21.55 21.80
N PRO A 177 -2.29 20.69 22.32
CA PRO A 177 -1.86 19.52 21.54
C PRO A 177 -2.98 18.58 21.13
N HIS A 178 -4.11 18.57 21.82
CA HIS A 178 -5.22 17.73 21.38
C HIS A 178 -6.11 18.39 20.32
N GLU A 179 -5.76 19.59 19.87
CA GLU A 179 -6.36 20.21 18.68
C GLU A 179 -5.21 20.51 17.71
N PRO A 180 -4.75 19.51 16.96
CA PRO A 180 -3.45 19.67 16.26
C PRO A 180 -3.40 20.86 15.31
N MET A 181 -4.50 21.16 14.65
CA MET A 181 -4.53 22.26 13.69
C MET A 181 -5.01 23.59 14.30
N PHE A 182 -4.94 23.76 15.62
CA PHE A 182 -5.45 24.98 16.23
C PHE A 182 -4.72 26.23 15.72
N THR A 183 -3.40 26.17 15.59
CA THR A 183 -2.63 27.34 15.16
C THR A 183 -2.31 27.25 13.69
N GLU A 184 -2.28 28.41 13.04
CA GLU A 184 -1.81 28.45 11.66
C GLU A 184 -0.34 28.03 11.56
N ARG A 185 0.45 28.18 12.61
CA ARG A 185 1.84 27.76 12.51
C ARG A 185 1.95 26.24 12.34
N ALA A 186 1.08 25.48 13.04
CA ALA A 186 1.08 24.04 12.86
C ALA A 186 0.74 23.67 11.44
N ARG A 187 -0.25 24.36 10.84
CA ARG A 187 -0.61 24.10 9.46
C ARG A 187 0.55 24.38 8.52
N GLU A 188 1.24 25.50 8.72
CA GLU A 188 2.37 25.83 7.87
C GLU A 188 3.52 24.85 8.06
N LEU A 189 3.80 24.47 9.30
CA LEU A 189 4.85 23.48 9.54
C LEU A 189 4.56 22.16 8.86
N ASP A 190 3.30 21.87 8.55
CA ASP A 190 3.00 20.63 7.85
C ASP A 190 3.53 20.60 6.42
N LYS A 191 4.19 21.67 5.98
CA LYS A 191 4.94 21.68 4.74
C LYS A 191 6.35 21.15 4.90
N SER A 192 6.85 21.06 6.12
CA SER A 192 8.21 20.64 6.38
C SER A 192 8.28 19.19 6.84
N SER A 193 9.41 18.57 6.55
CA SER A 193 9.73 17.29 7.14
C SER A 193 10.57 17.52 8.40
N VAL A 194 10.84 16.45 9.13
CA VAL A 194 11.73 16.54 10.28
C VAL A 194 13.15 16.85 9.82
N LEU A 195 13.56 16.29 8.68
CA LEU A 195 14.91 16.57 8.20
C LEU A 195 15.07 18.03 7.84
N ASP A 196 14.02 18.68 7.32
CA ASP A 196 14.08 20.12 7.06
C ASP A 196 14.45 20.87 8.33
N ARG A 197 13.84 20.52 9.45
CA ARG A 197 14.20 21.22 10.69
C ARG A 197 15.60 20.85 11.15
N ILE A 198 15.95 19.56 11.13
CA ILE A 198 17.26 19.13 11.63
C ILE A 198 18.39 19.88 10.93
N LYS A 199 18.23 20.14 9.63
CA LYS A 199 19.27 20.83 8.86
C LYS A 199 19.54 22.25 9.36
N THR A 200 18.56 22.88 10.00
CA THR A 200 18.72 24.24 10.49
C THR A 200 19.22 24.33 11.93
N LEU A 201 19.35 23.21 12.65
CA LEU A 201 19.60 23.31 14.08
C LEU A 201 21.07 23.40 14.43
N GLY A 202 21.97 23.28 13.45
CA GLY A 202 23.39 23.46 13.74
C GLY A 202 23.91 22.48 14.77
N LEU A 203 23.38 21.27 14.77
CA LEU A 203 23.83 20.31 15.75
C LEU A 203 25.21 19.78 15.37
N SER A 204 25.89 19.18 16.35
CA SER A 204 27.13 18.48 16.07
C SER A 204 26.84 17.17 15.33
N ARG A 205 27.91 16.53 14.87
CA ARG A 205 27.75 15.27 14.16
C ARG A 205 27.14 14.20 15.06
N LEU A 206 27.52 14.20 16.33
CA LEU A 206 26.93 13.29 17.31
C LEU A 206 25.46 13.61 17.51
N GLN A 207 25.16 14.87 17.80
CA GLN A 207 23.79 15.28 18.08
C GLN A 207 22.86 15.00 16.91
N GLN A 208 23.33 15.26 15.68
CA GLN A 208 22.48 15.05 14.52
C GLN A 208 22.20 13.57 14.31
N ALA A 209 23.22 12.73 14.45
CA ALA A 209 23.02 11.29 14.34
C ALA A 209 22.06 10.78 15.40
N GLN A 210 22.19 11.29 16.63
CA GLN A 210 21.32 10.85 17.72
C GLN A 210 19.88 11.21 17.43
N ILE A 211 19.62 12.49 17.15
CA ILE A 211 18.25 12.91 16.93
C ILE A 211 17.69 12.32 15.64
N ASN A 212 18.53 12.16 14.61
CA ASN A 212 18.02 11.58 13.37
C ASN A 212 17.68 10.11 13.54
N SER A 213 18.48 9.37 14.30
CA SER A 213 18.12 7.98 14.62
C SER A 213 16.83 7.94 15.42
N TYR A 214 16.67 8.86 16.35
CA TYR A 214 15.49 8.88 17.20
C TYR A 214 14.25 9.20 16.37
N MET A 215 14.36 10.18 15.48
CA MET A 215 13.24 10.58 14.64
C MET A 215 12.94 9.54 13.55
N ALA A 216 13.97 8.86 13.04
CA ALA A 216 13.71 7.76 12.10
C ALA A 216 12.97 6.62 12.79
N LEU A 217 13.25 6.40 14.07
CA LEU A 217 12.46 5.45 14.84
C LEU A 217 11.02 5.89 14.92
N TYR A 218 10.77 7.14 15.31
CA TYR A 218 9.39 7.60 15.37
C TYR A 218 8.72 7.55 14.00
N ALA A 219 9.50 7.73 12.93
CA ALA A 219 8.94 7.67 11.58
C ALA A 219 8.71 6.25 11.07
N GLY A 220 9.46 5.28 11.57
CA GLY A 220 9.55 4.02 10.86
C GLY A 220 10.00 4.22 9.42
N GLU A 221 10.85 5.20 9.18
CA GLU A 221 11.19 5.69 7.84
C GLU A 221 12.30 6.71 7.97
N THR A 222 12.90 7.06 6.84
CA THR A 222 13.92 8.10 6.79
C THR A 222 13.29 9.46 7.11
N THR A 223 14.08 10.33 7.75
CA THR A 223 13.55 11.57 8.30
C THR A 223 13.17 12.60 7.24
N ASP A 224 13.59 12.42 5.98
CA ASP A 224 13.12 13.31 4.92
C ASP A 224 11.63 13.11 4.61
N LYS A 225 11.07 11.94 4.92
CA LYS A 225 9.67 11.66 4.68
C LYS A 225 8.79 11.96 5.90
N PHE A 226 9.40 12.15 7.06
CA PHE A 226 8.67 12.23 8.32
C PHE A 226 8.07 13.62 8.50
N GLY A 227 6.75 13.68 8.66
CA GLY A 227 6.10 14.94 8.98
C GLY A 227 6.56 15.52 10.31
N LEU A 228 6.82 16.83 10.33
CA LEU A 228 7.38 17.45 11.52
C LEU A 228 6.33 17.75 12.60
N PRO A 229 5.16 18.32 12.27
CA PRO A 229 4.21 18.68 13.35
C PRO A 229 3.75 17.48 14.17
N GLY A 230 3.66 16.30 13.57
CA GLY A 230 3.32 15.12 14.33
C GLY A 230 4.25 14.91 15.51
N VAL A 231 5.55 15.16 15.29
CA VAL A 231 6.56 14.95 16.32
C VAL A 231 6.44 15.98 17.43
N LEU A 232 6.35 17.26 17.05
CA LEU A 232 6.22 18.32 18.03
C LEU A 232 4.99 18.14 18.88
N LYS A 233 3.88 17.71 18.26
CA LYS A 233 2.62 17.52 18.96
C LYS A 233 2.75 16.51 20.08
N LEU A 234 3.42 15.38 19.82
CA LEU A 234 3.65 14.38 20.87
C LEU A 234 4.44 14.98 22.03
N PHE A 235 5.53 15.69 21.71
CA PHE A 235 6.30 16.41 22.73
C PHE A 235 5.42 17.34 23.54
N ALA A 236 4.57 18.11 22.86
CA ALA A 236 3.66 18.99 23.56
C ALA A 236 2.72 18.21 24.47
N CYS A 237 2.20 17.07 23.99
CA CYS A 237 1.33 16.24 24.83
C CYS A 237 1.99 15.91 26.17
N GLY A 238 3.32 15.79 26.20
CA GLY A 238 4.04 15.45 27.41
C GLY A 238 4.42 16.65 28.24
N GLY A 239 3.51 17.63 28.34
CA GLY A 239 3.78 18.80 29.14
C GLY A 239 4.81 19.73 28.54
N TRP A 240 4.96 19.73 27.22
CA TRP A 240 5.93 20.59 26.52
C TRP A 240 7.30 20.54 27.17
N ASN A 241 7.69 19.39 27.71
CA ASN A 241 8.84 19.30 28.60
C ASN A 241 9.62 18.04 28.32
N TYR A 242 10.94 18.18 28.21
CA TYR A 242 11.77 17.04 27.82
C TYR A 242 11.70 15.91 28.84
N ASP A 243 11.92 16.22 30.12
CA ASP A 243 11.98 15.14 31.12
C ASP A 243 10.63 14.46 31.29
N ALA A 244 9.54 15.22 31.27
CA ALA A 244 8.22 14.61 31.39
C ALA A 244 7.94 13.70 30.20
N PHE A 245 8.18 14.19 28.99
CA PHE A 245 7.96 13.37 27.79
C PHE A 245 8.81 12.12 27.80
N MET A 246 10.10 12.27 28.12
CA MET A 246 10.99 11.10 28.17
C MET A 246 10.48 10.07 29.17
N ASP A 247 9.84 10.53 30.24
CA ASP A 247 9.34 9.60 31.26
C ASP A 247 8.25 8.69 30.70
N THR A 248 7.62 9.07 29.59
CA THR A 248 6.55 8.27 28.99
C THR A 248 7.05 7.17 28.06
N GLU A 249 8.34 7.16 27.69
CA GLU A 249 8.74 6.38 26.53
C GLU A 249 8.77 4.89 26.83
N THR A 250 9.58 4.47 27.78
CA THR A 250 9.79 3.05 28.03
C THR A 250 9.86 2.77 29.52
N HIS A 251 9.15 3.56 30.33
CA HIS A 251 9.32 3.50 31.78
C HIS A 251 8.31 2.60 32.48
N TYR A 252 7.02 2.74 32.19
CA TYR A 252 5.98 2.05 32.95
C TYR A 252 5.11 1.20 32.04
N ARG A 253 4.82 -0.03 32.48
CA ARG A 253 3.90 -0.92 31.81
C ARG A 253 2.64 -1.12 32.65
N ILE A 254 1.64 -1.73 32.02
CA ILE A 254 0.36 -1.96 32.69
C ILE A 254 0.45 -3.22 33.53
N GLN A 255 -0.01 -3.14 34.78
CA GLN A 255 -0.16 -4.33 35.59
C GLN A 255 -1.16 -5.27 34.94
N GLY A 256 -0.75 -6.54 34.77
CA GLY A 256 -1.52 -7.50 34.02
C GLY A 256 -1.39 -7.42 32.52
N GLY A 257 -0.50 -6.57 32.02
CA GLY A 257 -0.29 -6.43 30.59
C GLY A 257 -1.36 -5.68 29.81
N THR A 258 -1.01 -5.34 28.57
CA THR A 258 -1.99 -4.72 27.68
C THR A 258 -3.14 -5.68 27.38
N ILE A 259 -2.85 -6.98 27.27
CA ILE A 259 -3.92 -7.92 26.98
C ILE A 259 -4.92 -7.97 28.13
N GLY A 260 -4.45 -7.73 29.36
CA GLY A 260 -5.37 -7.69 30.49
C GLY A 260 -6.34 -6.53 30.40
N LEU A 261 -5.82 -5.35 30.05
CA LEU A 261 -6.71 -4.19 29.96
C LEU A 261 -7.69 -4.34 28.79
N ILE A 262 -7.22 -4.85 27.64
CA ILE A 262 -8.13 -5.08 26.52
C ILE A 262 -9.26 -6.00 26.93
N ASN A 263 -8.93 -7.11 27.57
CA ASN A 263 -9.94 -8.06 27.99
C ASN A 263 -10.77 -7.52 29.15
N ALA A 264 -10.17 -6.71 30.03
CA ALA A 264 -10.98 -6.09 31.07
C ALA A 264 -12.09 -5.26 30.45
N MET A 265 -11.78 -4.54 29.38
CA MET A 265 -12.79 -3.75 28.69
C MET A 265 -13.79 -4.63 27.96
N LEU A 266 -13.32 -5.67 27.26
CA LEU A 266 -14.23 -6.51 26.48
C LEU A 266 -15.18 -7.30 27.38
N THR A 267 -14.66 -7.82 28.50
CA THR A 267 -15.51 -8.45 29.49
C THR A 267 -16.54 -7.46 30.03
N ASP A 268 -16.09 -6.26 30.36
CA ASP A 268 -17.00 -5.22 30.86
C ASP A 268 -18.09 -4.94 29.83
N SER A 269 -17.72 -4.88 28.55
CA SER A 269 -18.65 -4.58 27.46
C SER A 269 -19.77 -5.59 27.33
N GLY A 270 -19.50 -6.86 27.68
CA GLY A 270 -20.42 -7.92 27.36
C GLY A 270 -20.48 -8.31 25.90
N ALA A 271 -19.63 -7.74 25.07
CA ALA A 271 -19.75 -7.95 23.63
C ALA A 271 -19.34 -9.37 23.25
N GLU A 272 -19.91 -9.81 22.13
CA GLU A 272 -19.49 -11.04 21.50
C GLU A 272 -18.17 -10.79 20.76
N VAL A 273 -17.20 -11.69 20.95
CA VAL A 273 -15.86 -11.54 20.38
C VAL A 273 -15.56 -12.74 19.49
N ARG A 274 -15.22 -12.47 18.22
CA ARG A 274 -14.85 -13.51 17.26
C ARG A 274 -13.50 -13.19 16.62
N MET A 275 -12.61 -14.17 16.64
CA MET A 275 -11.27 -14.07 16.12
C MET A 275 -11.11 -14.93 14.86
N SER A 276 -9.97 -14.75 14.19
CA SER A 276 -9.71 -15.35 12.88
C SER A 276 -10.83 -15.03 11.89
N VAL A 277 -11.29 -13.78 11.89
CA VAL A 277 -12.40 -13.45 11.02
C VAL A 277 -12.06 -12.13 10.32
N PRO A 278 -11.15 -12.15 9.35
CA PRO A 278 -10.83 -10.90 8.64
C PRO A 278 -12.04 -10.41 7.88
N VAL A 279 -12.32 -9.13 8.01
CA VAL A 279 -13.42 -8.52 7.26
C VAL A 279 -12.90 -8.18 5.87
N THR A 280 -13.58 -8.65 4.84
CA THR A 280 -13.17 -8.42 3.47
C THR A 280 -13.94 -7.29 2.80
N ALA A 281 -15.14 -6.98 3.27
CA ALA A 281 -15.91 -5.91 2.66
C ALA A 281 -16.95 -5.43 3.65
N VAL A 282 -17.33 -4.16 3.50
CA VAL A 282 -18.35 -3.54 4.33
C VAL A 282 -19.23 -2.77 3.35
N GLU A 283 -20.51 -3.09 3.35
CA GLU A 283 -21.45 -2.51 2.41
C GLU A 283 -22.59 -1.86 3.18
N GLN A 284 -22.95 -0.63 2.79
CA GLN A 284 -24.01 0.11 3.46
C GLN A 284 -25.34 -0.23 2.81
N VAL A 285 -26.14 -1.05 3.50
CA VAL A 285 -27.45 -1.48 3.00
C VAL A 285 -28.49 -1.14 4.05
N ASN A 286 -29.73 -1.01 3.58
CA ASN A 286 -30.89 -0.50 4.30
C ASN A 286 -30.88 -0.80 5.79
N GLY A 287 -30.94 0.26 6.58
CA GLY A 287 -30.94 0.22 8.02
C GLY A 287 -29.59 0.06 8.65
N GLY A 288 -28.63 -0.52 7.96
CA GLY A 288 -27.37 -0.75 8.59
C GLY A 288 -26.21 -0.88 7.66
N VAL A 289 -25.38 -1.87 7.93
CA VAL A 289 -24.22 -2.17 7.12
C VAL A 289 -24.18 -3.68 6.97
N LYS A 290 -23.51 -4.14 5.94
CA LYS A 290 -23.41 -5.57 5.72
C LYS A 290 -21.93 -5.93 5.67
N ILE A 291 -21.53 -6.91 6.47
CA ILE A 291 -20.12 -7.17 6.72
C ILE A 291 -19.79 -8.57 6.20
N LYS A 292 -18.77 -8.64 5.36
CA LYS A 292 -18.32 -9.83 4.67
C LYS A 292 -17.03 -10.32 5.29
N THR A 293 -17.03 -11.53 5.83
CA THR A 293 -15.76 -12.12 6.21
C THR A 293 -15.10 -12.78 4.99
N ASP A 294 -14.15 -13.67 5.23
CA ASP A 294 -13.50 -14.40 4.15
C ASP A 294 -14.32 -15.62 3.72
N ASP A 295 -14.79 -16.41 4.69
CA ASP A 295 -15.64 -17.57 4.46
C ASP A 295 -16.93 -17.33 3.68
N ASP A 296 -17.10 -16.13 3.11
CA ASP A 296 -18.39 -15.67 2.61
C ASP A 296 -19.48 -15.90 3.67
N GLU A 297 -19.16 -15.46 4.89
CA GLU A 297 -20.14 -15.28 5.95
C GLU A 297 -20.60 -13.83 5.92
N ILE A 298 -21.86 -13.62 6.24
CA ILE A 298 -22.45 -12.30 6.15
C ILE A 298 -23.13 -11.90 7.47
N ILE A 299 -22.76 -10.73 8.01
CA ILE A 299 -23.23 -10.24 9.31
C ILE A 299 -23.86 -8.86 9.12
N THR A 300 -25.05 -8.68 9.69
CA THR A 300 -25.76 -7.40 9.62
C THR A 300 -25.59 -6.64 10.92
N ALA A 301 -25.52 -5.32 10.81
CA ALA A 301 -25.44 -4.44 11.97
C ALA A 301 -26.04 -3.10 11.59
N GLY A 302 -26.50 -2.36 12.61
CA GLY A 302 -26.92 -0.99 12.39
C GLY A 302 -25.76 -0.09 12.01
N VAL A 303 -24.62 -0.26 12.69
CA VAL A 303 -23.42 0.56 12.48
C VAL A 303 -22.21 -0.35 12.61
N VAL A 304 -21.13 0.04 11.95
CA VAL A 304 -19.84 -0.64 12.06
C VAL A 304 -18.76 0.36 12.48
N VAL A 305 -17.95 -0.03 13.46
CA VAL A 305 -16.81 0.77 13.90
C VAL A 305 -15.55 0.11 13.37
N MET A 306 -14.88 0.77 12.43
CA MET A 306 -13.65 0.28 11.86
C MET A 306 -12.49 0.81 12.68
N THR A 307 -11.68 -0.09 13.24
CA THR A 307 -10.50 0.31 14.01
C THR A 307 -9.23 -0.30 13.43
N VAL A 308 -9.30 -0.84 12.21
CA VAL A 308 -8.17 -1.49 11.57
C VAL A 308 -7.08 -0.45 11.31
N PRO A 309 -5.81 -0.85 11.29
CA PRO A 309 -4.75 0.10 10.92
C PRO A 309 -4.96 0.65 9.52
N LEU A 310 -4.59 1.92 9.35
CA LEU A 310 -4.80 2.62 8.09
C LEU A 310 -4.20 1.87 6.91
N ASN A 311 -3.00 1.31 7.10
CA ASN A 311 -2.34 0.59 6.02
C ASN A 311 -3.06 -0.69 5.62
N THR A 312 -4.06 -1.13 6.36
CA THR A 312 -4.77 -2.36 6.00
C THR A 312 -6.13 -2.12 5.37
N TYR A 313 -6.54 -0.86 5.19
CA TYR A 313 -7.80 -0.60 4.50
C TYR A 313 -7.77 -1.18 3.09
N LYS A 314 -6.58 -1.47 2.59
CA LYS A 314 -6.39 -2.07 1.27
C LYS A 314 -7.17 -3.37 1.12
N HIS A 315 -7.29 -4.13 2.20
CA HIS A 315 -7.92 -5.45 2.22
C HIS A 315 -9.44 -5.43 2.27
N ILE A 316 -10.07 -4.25 2.34
CA ILE A 316 -11.49 -4.17 2.64
C ILE A 316 -12.20 -3.39 1.55
N GLY A 317 -13.21 -4.02 0.94
CA GLY A 317 -14.03 -3.32 -0.03
C GLY A 317 -15.14 -2.53 0.66
N PHE A 318 -15.30 -1.28 0.25
CA PHE A 318 -16.31 -0.40 0.81
C PHE A 318 -17.32 -0.05 -0.27
N THR A 319 -18.59 -0.31 0.03
CA THR A 319 -19.70 -0.01 -0.87
C THR A 319 -20.79 0.69 -0.06
N PRO A 320 -21.09 1.96 -0.39
CA PRO A 320 -20.53 2.71 -1.51
C PRO A 320 -19.07 3.09 -1.31
N ALA A 321 -18.53 3.93 -2.18
CA ALA A 321 -17.14 4.32 -2.04
C ALA A 321 -17.04 5.38 -0.96
N LEU A 322 -15.94 5.32 -0.21
CA LEU A 322 -15.77 6.30 0.85
C LEU A 322 -15.44 7.65 0.25
N SER A 323 -15.51 8.68 1.08
CA SER A 323 -15.23 10.04 0.64
C SER A 323 -13.87 10.10 -0.06
N LYS A 324 -13.66 11.13 -0.89
CA LYS A 324 -12.37 11.23 -1.59
C LYS A 324 -11.25 11.62 -0.64
N GLY A 325 -11.53 12.40 0.40
CA GLY A 325 -10.50 12.71 1.38
C GLY A 325 -10.06 11.49 2.14
N LYS A 326 -10.99 10.59 2.45
CA LYS A 326 -10.63 9.36 3.14
C LYS A 326 -9.90 8.41 2.22
N GLN A 327 -10.33 8.32 0.96
CA GLN A 327 -9.64 7.49 -0.01
C GLN A 327 -8.20 7.95 -0.19
N ARG A 328 -7.97 9.27 -0.20
CA ARG A 328 -6.60 9.77 -0.34
C ARG A 328 -5.72 9.30 0.80
N PHE A 329 -6.29 9.23 2.02
CA PHE A 329 -5.56 8.75 3.18
C PHE A 329 -5.24 7.26 3.06
N ILE A 330 -6.24 6.46 2.65
CA ILE A 330 -6.04 5.02 2.53
C ILE A 330 -4.95 4.72 1.51
N LYS A 331 -4.90 5.49 0.42
CA LYS A 331 -3.88 5.28 -0.60
C LYS A 331 -2.51 5.73 -0.11
N GLU A 332 -2.46 6.84 0.64
CA GLU A 332 -1.22 7.28 1.26
C GLU A 332 -0.72 6.30 2.30
N GLY A 333 -1.59 5.91 3.23
CA GLY A 333 -1.19 5.09 4.34
C GLY A 333 -0.43 5.91 5.36
N GLN A 334 0.17 5.22 6.31
CA GLN A 334 1.08 5.82 7.28
C GLN A 334 2.47 5.26 7.03
N LEU A 335 3.46 6.11 7.29
CA LEU A 335 4.87 5.87 6.97
C LEU A 335 5.76 4.95 7.80
N SER A 336 5.21 4.28 8.80
CA SER A 336 6.10 3.40 9.57
C SER A 336 6.25 2.02 8.95
N LYS A 337 7.50 1.58 8.83
CA LYS A 337 7.85 0.25 8.36
C LYS A 337 8.69 -0.49 9.39
N GLY A 338 8.37 -0.25 10.67
CA GLY A 338 9.16 -0.78 11.76
C GLY A 338 8.99 -2.26 11.97
N ALA A 339 9.95 -2.84 12.69
CA ALA A 339 9.90 -4.24 13.10
C ALA A 339 10.58 -4.36 14.45
N LYS A 340 10.21 -5.39 15.19
CA LYS A 340 10.72 -5.59 16.54
C LYS A 340 11.50 -6.90 16.62
N LEU A 341 12.59 -6.87 17.39
CA LEU A 341 13.52 -7.99 17.42
C LEU A 341 14.20 -8.10 18.79
N TYR A 342 14.31 -9.33 19.29
CA TYR A 342 15.05 -9.62 20.51
C TYR A 342 16.20 -10.59 20.18
N VAL A 343 17.37 -10.29 20.74
CA VAL A 343 18.57 -11.09 20.53
C VAL A 343 19.09 -11.55 21.90
N HIS A 344 19.36 -12.84 22.02
CA HIS A 344 19.96 -13.42 23.23
C HIS A 344 21.43 -13.70 22.93
N VAL A 345 22.33 -12.93 23.56
CA VAL A 345 23.75 -13.17 23.35
C VAL A 345 24.31 -13.88 24.59
N LYS A 346 25.34 -14.68 24.35
CA LYS A 346 25.96 -15.48 25.42
C LYS A 346 26.59 -14.57 26.47
N GLN A 347 27.27 -13.51 26.02
CA GLN A 347 27.98 -12.60 26.89
C GLN A 347 27.04 -11.73 27.74
N ASN A 348 27.54 -11.32 28.90
CA ASN A 348 26.88 -10.32 29.73
C ASN A 348 27.43 -8.96 29.31
N LEU A 349 26.64 -8.21 28.56
CA LEU A 349 27.06 -6.87 28.16
C LEU A 349 26.57 -5.80 29.12
N GLY A 350 25.93 -6.21 30.22
CA GLY A 350 25.43 -5.22 31.16
C GLY A 350 24.27 -4.42 30.58
N ARG A 351 24.10 -3.20 31.08
CA ARG A 351 23.00 -2.34 30.68
C ARG A 351 23.47 -1.42 29.56
N VAL A 352 23.08 -1.73 28.34
CA VAL A 352 23.53 -1.01 27.17
C VAL A 352 22.36 -0.24 26.55
N PHE A 353 22.72 0.76 25.76
CA PHE A 353 21.77 1.48 24.92
C PHE A 353 22.50 1.95 23.69
N ALA A 354 21.84 1.86 22.54
CA ALA A 354 22.45 2.30 21.30
C ALA A 354 21.40 2.95 20.41
N PHE A 355 21.83 3.97 19.69
CA PHE A 355 21.13 4.53 18.54
C PHE A 355 21.89 4.11 17.29
N ALA A 356 21.16 3.82 16.21
CA ALA A 356 21.79 3.64 14.90
C ALA A 356 21.04 4.49 13.90
N ASP A 357 21.78 5.24 13.08
CA ASP A 357 21.15 6.16 12.16
C ASP A 357 20.43 5.42 11.04
N GLU A 358 19.59 6.16 10.32
CA GLU A 358 18.57 5.58 9.44
C GLU A 358 19.12 4.67 8.34
N GLN A 359 20.39 4.83 7.93
CA GLN A 359 20.90 3.93 6.91
C GLN A 359 21.36 2.59 7.48
N GLN A 360 21.28 2.41 8.79
CA GLN A 360 21.67 1.18 9.45
C GLN A 360 20.43 0.49 10.03
N PRO A 361 20.52 -0.79 10.30
CA PRO A 361 19.32 -1.53 10.75
C PRO A 361 18.95 -1.42 12.23
N LEU A 362 19.90 -1.50 13.16
CA LEU A 362 19.57 -1.63 14.59
C LEU A 362 19.46 -0.25 15.24
N ASN A 363 18.36 0.44 14.89
CA ASN A 363 18.23 1.85 15.22
C ASN A 363 18.01 2.10 16.70
N TRP A 364 17.50 1.12 17.44
CA TRP A 364 17.26 1.28 18.87
C TRP A 364 17.56 -0.03 19.56
N VAL A 365 18.57 -0.01 20.43
CA VAL A 365 19.01 -1.20 21.14
C VAL A 365 19.02 -0.88 22.63
N GLN A 366 18.42 -1.76 23.42
CA GLN A 366 18.40 -1.58 24.86
C GLN A 366 18.58 -2.94 25.50
N THR A 367 19.20 -2.95 26.66
CA THR A 367 19.30 -4.17 27.44
C THR A 367 17.94 -4.47 28.06
N HIS A 368 17.36 -5.62 27.74
CA HIS A 368 16.13 -6.00 28.41
C HIS A 368 16.41 -6.68 29.74
N ASP A 369 17.42 -7.55 29.78
CA ASP A 369 17.86 -8.17 31.03
C ASP A 369 19.28 -8.69 30.83
N TYR A 370 20.03 -8.82 31.93
CA TYR A 370 21.41 -9.27 31.86
C TYR A 370 21.80 -10.02 33.13
N SER A 371 22.71 -10.97 32.96
CA SER A 371 23.38 -11.66 34.06
C SER A 371 24.49 -12.52 33.47
N ASP A 372 25.39 -12.98 34.35
CA ASP A 372 26.42 -13.90 33.90
C ASP A 372 25.80 -15.25 33.56
N GLU A 373 24.80 -15.66 34.34
CA GLU A 373 24.03 -16.86 34.02
C GLU A 373 23.37 -16.74 32.65
N LEU A 374 22.52 -15.73 32.47
CA LEU A 374 21.75 -15.58 31.25
C LEU A 374 22.62 -15.18 30.07
N GLY A 375 23.49 -14.21 30.28
CA GLY A 375 24.06 -13.45 29.18
C GLY A 375 23.35 -12.11 29.05
N THR A 376 22.86 -11.81 27.86
CA THR A 376 22.14 -10.56 27.64
C THR A 376 20.99 -10.80 26.68
N ILE A 377 19.81 -10.31 27.05
CA ILE A 377 18.70 -10.21 26.12
C ILE A 377 18.61 -8.75 25.68
N LEU A 378 18.79 -8.51 24.38
CA LEU A 378 18.78 -7.17 23.84
C LEU A 378 17.41 -6.94 23.18
N SER A 379 16.77 -5.82 23.51
CA SER A 379 15.54 -5.46 22.83
C SER A 379 15.90 -4.46 21.73
N ILE A 380 15.44 -4.74 20.50
CA ILE A 380 15.87 -4.00 19.32
C ILE A 380 14.63 -3.58 18.55
N THR A 381 14.56 -2.30 18.19
CA THR A 381 13.52 -1.80 17.31
C THR A 381 14.16 -1.30 16.03
N ILE A 382 13.62 -1.74 14.91
CA ILE A 382 14.13 -1.42 13.60
C ILE A 382 13.18 -0.45 12.92
N ALA A 383 13.72 0.69 12.48
CA ALA A 383 12.88 1.71 11.87
C ALA A 383 12.28 1.20 10.57
N ARG A 384 13.11 0.60 9.72
CA ARG A 384 12.70 0.21 8.37
C ARG A 384 13.07 -1.24 8.17
N LYS A 385 12.09 -2.06 7.82
CA LYS A 385 12.39 -3.46 7.58
C LYS A 385 13.08 -3.69 6.23
N GLU A 386 13.23 -2.65 5.42
CA GLU A 386 14.12 -2.73 4.26
C GLU A 386 15.54 -3.04 4.69
N THR A 387 15.95 -2.47 5.82
CA THR A 387 17.36 -2.50 6.20
C THR A 387 17.82 -3.87 6.65
N ILE A 388 16.88 -4.76 7.02
CA ILE A 388 17.25 -6.09 7.50
C ILE A 388 16.01 -6.96 7.50
N ASP A 389 16.22 -8.27 7.41
CA ASP A 389 15.16 -9.27 7.54
C ASP A 389 15.33 -9.79 8.95
N VAL A 390 14.46 -9.34 9.86
CA VAL A 390 14.57 -9.69 11.27
C VAL A 390 14.39 -11.17 11.50
N ASN A 391 13.77 -11.89 10.56
CA ASN A 391 13.53 -13.31 10.70
C ASN A 391 14.66 -14.17 10.15
N ASP A 392 15.60 -13.56 9.39
CA ASP A 392 16.83 -14.22 8.98
C ASP A 392 17.87 -14.05 10.09
N ARG A 393 18.21 -15.14 10.79
CA ARG A 393 19.06 -15.04 11.96
C ARG A 393 20.52 -14.75 11.62
N ASP A 394 21.04 -15.26 10.51
CA ASP A 394 22.44 -14.97 10.24
C ASP A 394 22.61 -13.51 9.83
N ALA A 395 21.62 -12.95 9.14
CA ALA A 395 21.68 -11.53 8.84
C ALA A 395 21.60 -10.70 10.12
N VAL A 396 20.76 -11.13 11.07
CA VAL A 396 20.70 -10.49 12.37
C VAL A 396 22.02 -10.63 13.11
N THR A 397 22.65 -11.80 12.97
CA THR A 397 23.88 -12.08 13.71
C THR A 397 25.00 -11.17 13.24
N ARG A 398 25.11 -10.95 11.93
CA ARG A 398 26.14 -10.05 11.43
C ARG A 398 25.88 -8.62 11.92
N GLU A 399 24.64 -8.18 11.87
CA GLU A 399 24.36 -6.80 12.24
C GLU A 399 24.55 -6.54 13.73
N VAL A 400 24.30 -7.54 14.58
CA VAL A 400 24.53 -7.38 16.00
C VAL A 400 26.02 -7.35 16.30
N GLN A 401 26.78 -8.17 15.58
CA GLN A 401 28.24 -8.19 15.71
C GLN A 401 28.88 -6.90 15.22
N LYS A 402 28.28 -6.22 14.25
CA LYS A 402 28.79 -4.90 13.88
C LYS A 402 28.74 -3.93 15.05
N MET A 403 27.74 -4.06 15.92
CA MET A 403 27.60 -3.15 17.06
C MET A 403 28.36 -3.63 18.28
N PHE A 404 28.35 -4.93 18.55
CA PHE A 404 29.06 -5.51 19.69
C PHE A 404 29.97 -6.59 19.13
N PRO A 405 31.15 -6.21 18.65
CA PRO A 405 32.01 -7.17 17.92
C PRO A 405 32.38 -8.38 18.75
N GLY A 406 32.32 -9.54 18.12
CA GLY A 406 32.67 -10.80 18.75
C GLY A 406 31.63 -11.34 19.70
N VAL A 407 30.36 -10.97 19.55
CA VAL A 407 29.33 -11.57 20.39
C VAL A 407 28.83 -12.85 19.72
N GLU A 408 28.33 -13.74 20.57
CA GLU A 408 27.75 -15.01 20.15
C GLU A 408 26.25 -14.92 20.40
N VAL A 409 25.45 -15.03 19.34
CA VAL A 409 24.01 -14.97 19.46
C VAL A 409 23.49 -16.39 19.66
N LEU A 410 22.87 -16.63 20.82
CA LEU A 410 22.27 -17.92 21.10
C LEU A 410 20.93 -18.09 20.40
N GLY A 411 20.14 -17.03 20.33
CA GLY A 411 18.84 -17.10 19.69
C GLY A 411 18.26 -15.72 19.47
N THR A 412 17.22 -15.68 18.63
CA THR A 412 16.55 -14.45 18.24
C THR A 412 15.04 -14.68 18.18
N ALA A 413 14.29 -13.60 18.43
CA ALA A 413 12.84 -13.60 18.26
C ALA A 413 12.44 -12.26 17.64
N ALA A 414 11.59 -12.32 16.62
CA ALA A 414 11.25 -11.12 15.87
C ALA A 414 9.78 -11.12 15.48
N TYR A 415 9.20 -9.92 15.42
CA TYR A 415 7.85 -9.72 14.92
C TYR A 415 7.93 -8.65 13.83
N ASP A 416 7.72 -9.05 12.59
CA ASP A 416 7.83 -8.14 11.45
C ASP A 416 6.44 -7.53 11.23
N TRP A 417 6.23 -6.36 11.84
CA TRP A 417 4.92 -5.70 11.77
C TRP A 417 4.60 -5.27 10.34
N THR A 418 5.61 -4.88 9.58
CA THR A 418 5.38 -4.47 8.21
C THR A 418 5.01 -5.63 7.30
N ALA A 419 5.39 -6.86 7.65
CA ALA A 419 4.98 -8.01 6.85
C ALA A 419 3.63 -8.55 7.24
N ASP A 420 3.22 -8.32 8.49
CA ASP A 420 1.93 -8.78 8.96
C ASP A 420 0.81 -8.15 8.14
N PRO A 421 -0.05 -8.94 7.49
CA PRO A 421 -1.11 -8.35 6.65
C PRO A 421 -2.11 -7.51 7.43
N PHE A 422 -2.22 -7.70 8.74
CA PHE A 422 -3.19 -6.95 9.53
C PHE A 422 -2.54 -5.83 10.31
N SER A 423 -1.30 -5.48 9.97
CA SER A 423 -0.72 -4.22 10.41
C SER A 423 -0.04 -3.53 9.22
N LEU A 424 0.77 -4.26 8.47
CA LEU A 424 1.48 -3.73 7.30
C LEU A 424 2.14 -2.40 7.62
N GLY A 425 2.87 -2.40 8.71
CA GLY A 425 3.45 -1.19 9.26
C GLY A 425 3.46 -1.29 10.77
N ALA A 426 3.93 -0.23 11.40
CA ALA A 426 4.07 -0.25 12.85
C ALA A 426 3.22 0.84 13.50
N TRP A 427 3.80 1.57 14.46
CA TRP A 427 3.11 2.68 15.11
C TRP A 427 2.76 3.75 14.08
N ALA A 428 1.74 4.53 14.37
CA ALA A 428 1.31 5.57 13.43
C ALA A 428 2.40 6.62 13.26
N ALA A 429 2.74 6.93 12.01
CA ALA A 429 3.71 7.96 11.67
C ALA A 429 3.21 8.71 10.45
N TYR A 430 2.96 10.01 10.62
CA TYR A 430 2.39 10.81 9.54
C TYR A 430 3.47 11.28 8.60
N GLY A 431 3.16 11.25 7.29
CA GLY A 431 4.01 11.86 6.30
C GLY A 431 3.73 13.35 6.18
N VAL A 432 4.53 14.02 5.35
CA VAL A 432 4.41 15.47 5.22
C VAL A 432 3.04 15.82 4.69
N GLY A 433 2.39 16.81 5.32
CA GLY A 433 1.09 17.26 4.91
C GLY A 433 -0.08 16.40 5.35
N GLN A 434 0.15 15.22 5.95
CA GLN A 434 -0.98 14.39 6.30
C GLN A 434 -1.71 14.88 7.54
N LEU A 435 -0.96 15.40 8.53
CA LEU A 435 -1.61 15.81 9.79
C LEU A 435 -2.68 16.87 9.54
N SER A 436 -2.41 17.81 8.64
CA SER A 436 -3.35 18.91 8.43
C SER A 436 -4.65 18.46 7.77
N ARG A 437 -4.72 17.20 7.33
CA ARG A 437 -5.93 16.62 6.78
C ARG A 437 -6.49 15.51 7.68
N LEU A 438 -6.15 15.49 8.96
CA LEU A 438 -6.56 14.39 9.82
C LEU A 438 -8.08 14.22 9.88
N LYS A 439 -8.84 15.32 9.78
CA LYS A 439 -10.31 15.21 9.83
C LYS A 439 -10.86 14.29 8.74
N ASP A 440 -10.23 14.27 7.57
CA ASP A 440 -10.76 13.43 6.50
C ASP A 440 -10.76 11.97 6.90
N LEU A 441 -9.81 11.56 7.73
CA LEU A 441 -9.73 10.15 8.10
C LEU A 441 -10.66 9.86 9.27
N GLN A 442 -10.88 10.87 10.12
CA GLN A 442 -11.72 10.72 11.30
C GLN A 442 -13.20 10.65 10.94
N ALA A 443 -13.59 11.29 9.83
CA ALA A 443 -15.00 11.53 9.53
C ALA A 443 -15.80 10.23 9.41
N ALA A 444 -17.02 10.26 9.96
CA ALA A 444 -17.96 9.17 9.76
C ALA A 444 -18.40 9.11 8.31
N GLU A 445 -18.65 7.90 7.82
CA GLU A 445 -19.08 7.65 6.44
C GLU A 445 -20.44 6.94 6.50
N GLY A 446 -21.52 7.72 6.51
CA GLY A 446 -22.84 7.13 6.67
C GLY A 446 -22.91 6.39 7.99
N ARG A 447 -23.16 5.08 7.91
CA ARG A 447 -23.24 4.21 9.08
C ARG A 447 -21.91 3.54 9.43
N ILE A 448 -20.82 4.04 8.88
CA ILE A 448 -19.48 3.54 9.20
C ILE A 448 -18.72 4.59 10.00
N LEU A 449 -18.19 4.19 11.15
CA LEU A 449 -17.37 5.05 11.98
C LEU A 449 -15.93 4.55 11.97
N PHE A 450 -15.00 5.48 12.18
CA PHE A 450 -13.56 5.20 12.02
C PHE A 450 -12.81 5.60 13.27
N ALA A 451 -12.01 4.66 13.79
CA ALA A 451 -11.17 4.87 14.95
C ALA A 451 -9.83 4.21 14.71
N GLY A 452 -9.04 4.10 15.77
CA GLY A 452 -7.67 3.67 15.68
C GLY A 452 -6.69 4.79 16.00
N ALA A 453 -5.49 4.40 16.45
CA ALA A 453 -4.50 5.38 16.92
C ALA A 453 -4.18 6.42 15.85
N GLU A 454 -4.16 6.02 14.55
CA GLU A 454 -3.91 6.97 13.46
C GLU A 454 -4.95 8.06 13.42
N THR A 455 -6.14 7.80 13.93
CA THR A 455 -7.24 8.75 13.87
C THR A 455 -7.37 9.60 15.12
N SER A 456 -6.51 9.43 16.12
CA SER A 456 -6.61 10.24 17.32
C SER A 456 -6.00 11.61 17.11
N ASN A 457 -6.30 12.51 18.06
CA ASN A 457 -5.73 13.85 18.03
C ASN A 457 -4.45 13.99 18.84
N GLY A 458 -4.34 13.25 19.94
CA GLY A 458 -3.24 13.42 20.90
C GLY A 458 -2.05 12.49 20.72
N TRP A 459 -1.94 11.49 21.59
CA TRP A 459 -0.82 10.54 21.54
C TRP A 459 -1.06 9.54 20.39
N HIS A 460 -0.93 10.05 19.16
CA HIS A 460 -1.30 9.24 18.00
C HIS A 460 -0.39 8.04 17.80
N ALA A 461 0.82 8.07 18.36
CA ALA A 461 1.77 6.98 18.21
C ALA A 461 1.72 6.00 19.38
N ASN A 462 0.57 5.93 20.08
CA ASN A 462 0.55 5.29 21.38
C ASN A 462 -0.74 4.51 21.60
N ILE A 463 -0.69 3.67 22.64
CA ILE A 463 -1.89 3.02 23.14
C ILE A 463 -2.95 4.05 23.45
N ASP A 464 -2.56 5.18 24.04
CA ASP A 464 -3.52 6.17 24.49
C ASP A 464 -4.32 6.77 23.32
N GLY A 465 -3.68 7.06 22.19
CA GLY A 465 -4.45 7.56 21.07
C GLY A 465 -5.48 6.55 20.61
N ALA A 466 -5.14 5.27 20.70
CA ALA A 466 -6.09 4.24 20.35
C ALA A 466 -7.29 4.27 21.29
N VAL A 467 -7.04 4.35 22.61
CA VAL A 467 -8.14 4.48 23.56
C VAL A 467 -8.95 5.73 23.26
N GLU A 468 -8.29 6.87 23.09
CA GLU A 468 -8.97 8.12 22.77
C GLU A 468 -9.93 7.94 21.59
N SER A 469 -9.46 7.32 20.50
CA SER A 469 -10.32 7.15 19.32
C SER A 469 -11.50 6.23 19.63
N GLY A 470 -11.28 5.23 20.48
CA GLY A 470 -12.35 4.37 20.93
C GLY A 470 -13.45 5.11 21.68
N LEU A 471 -13.07 6.06 22.54
CA LEU A 471 -14.12 6.82 23.22
C LEU A 471 -14.89 7.68 22.22
N ARG A 472 -14.20 8.24 21.24
CA ARG A 472 -14.89 9.03 20.21
C ARG A 472 -15.85 8.18 19.41
N ALA A 473 -15.41 7.00 18.98
CA ALA A 473 -16.27 6.12 18.20
C ALA A 473 -17.51 5.72 19.00
N GLY A 474 -17.33 5.38 20.29
CA GLY A 474 -18.48 5.04 21.13
C GLY A 474 -19.49 6.17 21.22
N ARG A 475 -19.02 7.40 21.34
CA ARG A 475 -19.93 8.54 21.33
C ARG A 475 -20.66 8.66 19.99
N GLU A 476 -19.94 8.47 18.89
CA GLU A 476 -20.55 8.55 17.56
C GLU A 476 -21.56 7.42 17.35
N VAL A 477 -21.27 6.23 17.86
CA VAL A 477 -22.26 5.14 17.78
C VAL A 477 -23.54 5.56 18.47
N LYS A 478 -23.41 6.12 19.67
CA LYS A 478 -24.59 6.52 20.44
C LYS A 478 -25.40 7.55 19.67
N GLN A 479 -24.74 8.55 19.08
CA GLN A 479 -25.44 9.53 18.26
C GLN A 479 -26.16 8.84 17.11
N LEU A 480 -25.44 8.10 16.28
CA LEU A 480 -26.08 7.40 15.16
C LEU A 480 -27.26 6.56 15.61
N LEU A 481 -27.07 5.70 16.62
CA LEU A 481 -28.15 4.81 17.03
C LEU A 481 -29.26 5.51 17.79
N SER A 482 -29.00 6.67 18.39
CA SER A 482 -30.02 7.26 19.25
C SER A 482 -30.35 8.71 18.96
N LEU A 483 -29.42 9.45 18.35
CA LEU A 483 -29.47 10.92 18.24
C LEU A 483 -29.85 11.59 19.57
N THR B 47 -25.94 -30.11 -17.17
CA THR B 47 -24.91 -30.48 -18.15
C THR B 47 -24.35 -31.87 -17.87
N VAL B 48 -23.87 -32.54 -18.92
CA VAL B 48 -23.38 -33.90 -18.77
C VAL B 48 -22.14 -33.97 -17.89
N LYS B 49 -21.37 -32.89 -17.82
CA LYS B 49 -20.15 -32.89 -17.03
C LYS B 49 -20.41 -32.46 -15.58
N GLY B 50 -21.30 -33.19 -14.91
CA GLY B 50 -21.50 -33.02 -13.48
C GLY B 50 -22.85 -32.47 -13.05
N GLY B 51 -23.73 -32.11 -13.99
CA GLY B 51 -25.03 -31.62 -13.58
C GLY B 51 -25.06 -30.17 -13.19
N PHE B 52 -24.28 -29.33 -13.86
CA PHE B 52 -24.14 -27.92 -13.51
C PHE B 52 -24.89 -27.06 -14.52
N ASP B 53 -25.13 -25.80 -14.16
CA ASP B 53 -25.72 -24.88 -15.12
C ASP B 53 -24.82 -24.69 -16.32
N TYR B 54 -23.49 -24.76 -16.12
CA TYR B 54 -22.52 -24.43 -17.16
C TYR B 54 -21.29 -25.34 -17.01
N ASP B 55 -20.61 -25.59 -18.13
CA ASP B 55 -19.29 -26.22 -18.05
C ASP B 55 -18.25 -25.26 -17.49
N VAL B 56 -18.25 -24.02 -17.97
CA VAL B 56 -17.23 -23.03 -17.64
C VAL B 56 -17.91 -21.72 -17.32
N VAL B 57 -17.55 -21.11 -16.20
CA VAL B 57 -17.87 -19.72 -15.93
C VAL B 57 -16.57 -18.91 -15.92
N VAL B 58 -16.53 -17.86 -16.72
CA VAL B 58 -15.40 -16.95 -16.76
C VAL B 58 -15.82 -15.69 -16.03
N VAL B 59 -15.06 -15.32 -15.00
CA VAL B 59 -15.39 -14.14 -14.20
C VAL B 59 -14.52 -13.00 -14.70
N GLY B 60 -15.16 -12.04 -15.34
CA GLY B 60 -14.46 -10.86 -15.83
C GLY B 60 -14.41 -10.78 -17.34
N GLY B 61 -14.82 -9.64 -17.88
CA GLY B 61 -14.87 -9.41 -19.31
C GLY B 61 -13.80 -8.49 -19.86
N GLY B 62 -12.58 -8.53 -19.33
CA GLY B 62 -11.43 -7.91 -19.96
C GLY B 62 -10.85 -8.86 -21.01
N PHE B 63 -9.63 -8.54 -21.45
CA PHE B 63 -8.97 -9.37 -22.47
C PHE B 63 -8.67 -10.78 -21.96
N ALA B 64 -8.30 -10.93 -20.69
CA ALA B 64 -8.03 -12.28 -20.19
C ALA B 64 -9.29 -13.12 -20.19
N GLY B 65 -10.42 -12.54 -19.76
CA GLY B 65 -11.68 -13.27 -19.78
C GLY B 65 -12.22 -13.52 -21.18
N ALA B 66 -12.11 -12.51 -22.05
CA ALA B 66 -12.58 -12.68 -23.42
C ALA B 66 -11.80 -13.79 -24.12
N THR B 67 -10.49 -13.85 -23.89
CA THR B 67 -9.67 -14.88 -24.51
C THR B 67 -9.98 -16.27 -23.94
N ALA B 68 -10.14 -16.37 -22.62
CA ALA B 68 -10.48 -17.66 -22.04
C ALA B 68 -11.85 -18.13 -22.52
N ALA B 69 -12.82 -17.22 -22.58
CA ALA B 69 -14.16 -17.58 -23.03
C ALA B 69 -14.13 -18.08 -24.47
N ARG B 70 -13.29 -17.44 -25.32
CA ARG B 70 -13.22 -17.83 -26.72
C ARG B 70 -12.59 -19.21 -26.85
N GLU B 71 -11.53 -19.48 -26.08
CA GLU B 71 -10.90 -20.79 -26.10
C GLU B 71 -11.87 -21.89 -25.66
N CYS B 72 -12.58 -21.67 -24.55
CA CYS B 72 -13.52 -22.66 -24.04
C CYS B 72 -14.71 -22.84 -24.98
N GLY B 73 -15.28 -21.74 -25.46
CA GLY B 73 -16.46 -21.85 -26.31
C GLY B 73 -16.18 -22.60 -27.59
N LEU B 74 -15.02 -22.36 -28.19
CA LEU B 74 -14.68 -23.06 -29.42
C LEU B 74 -14.41 -24.54 -29.16
N GLN B 75 -14.21 -24.95 -27.90
CA GLN B 75 -14.07 -26.38 -27.63
C GLN B 75 -15.40 -27.07 -27.41
N GLY B 76 -16.52 -26.35 -27.52
CA GLY B 76 -17.84 -26.93 -27.35
C GLY B 76 -18.42 -26.81 -25.97
N TYR B 77 -17.69 -26.26 -25.00
CA TYR B 77 -18.19 -26.15 -23.64
C TYR B 77 -19.28 -25.10 -23.55
N ARG B 78 -20.34 -25.42 -22.81
CA ARG B 78 -21.35 -24.43 -22.48
C ARG B 78 -20.70 -23.41 -21.56
N THR B 79 -20.52 -22.18 -22.04
CA THR B 79 -19.67 -21.20 -21.38
C THR B 79 -20.46 -19.94 -21.08
N LEU B 80 -20.25 -19.40 -19.89
CA LEU B 80 -20.86 -18.15 -19.47
C LEU B 80 -19.78 -17.22 -18.94
N LEU B 81 -19.86 -15.95 -19.31
CA LEU B 81 -18.98 -14.93 -18.75
C LEU B 81 -19.78 -13.95 -17.90
N LEU B 82 -19.32 -13.73 -16.68
CA LEU B 82 -19.92 -12.81 -15.74
C LEU B 82 -19.02 -11.58 -15.60
N GLU B 83 -19.54 -10.41 -15.99
CA GLU B 83 -18.81 -9.16 -15.89
C GLU B 83 -19.46 -8.27 -14.83
N ALA B 84 -18.65 -7.74 -13.91
CA ALA B 84 -19.17 -6.93 -12.81
C ALA B 84 -19.70 -5.58 -13.29
N ARG B 85 -18.90 -4.84 -14.06
CA ARG B 85 -19.40 -3.55 -14.51
C ARG B 85 -20.48 -3.74 -15.59
N SER B 86 -21.12 -2.62 -15.94
CA SER B 86 -22.10 -2.58 -17.01
C SER B 86 -21.44 -2.37 -18.37
N ARG B 87 -20.18 -2.79 -18.53
CA ARG B 87 -19.47 -2.65 -19.78
C ARG B 87 -18.36 -3.68 -19.82
N LEU B 88 -17.95 -4.05 -21.04
CA LEU B 88 -16.82 -4.94 -21.23
C LEU B 88 -15.54 -4.15 -21.41
N GLY B 89 -14.41 -4.85 -21.51
CA GLY B 89 -13.12 -4.24 -21.74
C GLY B 89 -12.23 -4.17 -20.52
N GLY B 90 -12.82 -4.06 -19.33
CA GLY B 90 -12.03 -3.99 -18.10
C GLY B 90 -11.15 -2.75 -18.04
N ARG B 91 -9.85 -2.96 -17.84
CA ARG B 91 -8.89 -1.86 -17.83
C ARG B 91 -8.51 -1.37 -19.21
N THR B 92 -9.22 -1.80 -20.24
CA THR B 92 -9.22 -1.10 -21.52
C THR B 92 -10.60 -0.46 -21.65
N PHE B 93 -10.64 0.80 -22.05
CA PHE B 93 -11.89 1.54 -22.06
C PHE B 93 -11.73 2.77 -22.93
N THR B 94 -12.45 2.80 -24.04
CA THR B 94 -12.41 3.92 -24.97
C THR B 94 -13.59 4.84 -24.71
N SER B 95 -13.32 6.14 -24.65
CA SER B 95 -14.35 7.11 -24.33
C SER B 95 -14.38 8.23 -25.35
N ARG B 96 -15.14 9.28 -25.05
CA ARG B 96 -15.26 10.41 -25.96
C ARG B 96 -15.18 11.69 -25.16
N PHE B 97 -14.37 12.63 -25.63
CA PHE B 97 -14.15 13.90 -24.96
C PHE B 97 -13.72 14.92 -25.99
N ALA B 98 -14.27 16.13 -25.87
CA ALA B 98 -13.98 17.24 -26.78
C ALA B 98 -14.10 16.80 -28.24
N GLY B 99 -15.18 16.08 -28.52
CA GLY B 99 -15.53 15.67 -29.86
C GLY B 99 -14.71 14.54 -30.44
N GLN B 100 -13.96 13.79 -29.63
CA GLN B 100 -13.09 12.75 -30.19
C GLN B 100 -12.91 11.61 -29.21
N GLU B 101 -12.50 10.48 -29.75
CA GLU B 101 -12.22 9.30 -28.96
C GLU B 101 -10.99 9.51 -28.09
N ILE B 102 -11.08 9.08 -26.84
CA ILE B 102 -9.95 9.12 -25.91
C ILE B 102 -9.88 7.77 -25.21
N GLU B 103 -8.64 7.34 -24.93
CA GLU B 103 -8.38 6.03 -24.34
C GLU B 103 -8.12 6.23 -22.85
N PHE B 104 -9.05 5.75 -22.03
CA PHE B 104 -8.84 5.88 -20.59
C PHE B 104 -7.93 4.79 -20.04
N GLY B 105 -7.76 3.68 -20.74
CA GLY B 105 -6.93 2.59 -20.25
C GLY B 105 -5.97 2.09 -21.33
N GLY B 106 -5.79 0.78 -21.33
CA GLY B 106 -4.93 0.17 -22.33
C GLY B 106 -5.52 0.28 -23.71
N ALA B 107 -4.65 0.49 -24.70
CA ALA B 107 -5.10 0.60 -26.08
C ALA B 107 -4.00 0.24 -27.06
N TRP B 108 -2.73 0.34 -26.65
CA TRP B 108 -1.61 0.29 -27.57
C TRP B 108 -0.98 -1.10 -27.60
N VAL B 109 -0.71 -1.59 -28.81
CA VAL B 109 -0.32 -2.95 -29.09
C VAL B 109 0.90 -2.96 -30.01
N HIS B 110 1.41 -4.16 -30.28
CA HIS B 110 2.58 -4.26 -31.14
C HIS B 110 2.77 -5.71 -31.58
N TRP B 111 3.43 -5.89 -32.74
CA TRP B 111 3.72 -7.23 -33.25
C TRP B 111 4.80 -7.97 -32.45
N LEU B 112 5.61 -7.27 -31.65
CA LEU B 112 6.51 -7.96 -30.73
C LEU B 112 5.76 -8.60 -29.57
N GLN B 113 4.48 -8.27 -29.40
CA GLN B 113 3.68 -8.88 -28.34
C GLN B 113 2.89 -10.04 -28.96
N PRO B 114 3.33 -11.29 -28.77
CA PRO B 114 2.89 -12.37 -29.68
C PRO B 114 1.41 -12.70 -29.61
N HIS B 115 0.82 -12.68 -28.42
CA HIS B 115 -0.53 -13.22 -28.26
C HIS B 115 -1.59 -12.28 -28.81
N VAL B 116 -1.49 -10.99 -28.48
CA VAL B 116 -2.47 -10.05 -29.02
C VAL B 116 -2.31 -9.93 -30.53
N TRP B 117 -1.06 -9.96 -31.01
CA TRP B 117 -0.83 -9.84 -32.44
C TRP B 117 -1.43 -11.01 -33.20
N ALA B 118 -1.27 -12.23 -32.68
CA ALA B 118 -1.87 -13.38 -33.33
C ALA B 118 -3.39 -13.26 -33.37
N GLU B 119 -3.99 -12.69 -32.32
CA GLU B 119 -5.44 -12.52 -32.31
C GLU B 119 -5.87 -11.53 -33.38
N MET B 120 -5.12 -10.44 -33.51
CA MET B 120 -5.41 -9.43 -34.52
C MET B 120 -5.39 -10.08 -35.90
N GLN B 121 -4.48 -11.04 -36.12
CA GLN B 121 -4.43 -11.69 -37.41
C GLN B 121 -5.57 -12.68 -37.57
N ARG B 122 -5.96 -13.36 -36.48
CA ARG B 122 -7.12 -14.23 -36.54
C ARG B 122 -8.37 -13.47 -36.94
N TYR B 123 -8.59 -12.28 -36.35
CA TYR B 123 -9.80 -11.52 -36.65
C TYR B 123 -9.58 -10.45 -37.71
N GLY B 124 -8.42 -10.44 -38.35
CA GLY B 124 -8.19 -9.52 -39.46
C GLY B 124 -8.26 -8.07 -39.09
N LEU B 125 -7.67 -7.68 -37.97
CA LEU B 125 -7.60 -6.28 -37.55
C LEU B 125 -6.21 -5.75 -37.80
N GLY B 126 -6.12 -4.56 -38.39
CA GLY B 126 -4.87 -3.88 -38.58
C GLY B 126 -4.54 -3.00 -37.39
N VAL B 127 -3.50 -2.20 -37.56
CA VAL B 127 -3.10 -1.23 -36.56
C VAL B 127 -3.59 0.14 -36.98
N VAL B 128 -3.67 1.05 -36.01
CA VAL B 128 -3.97 2.45 -36.24
C VAL B 128 -2.86 3.25 -35.59
N GLU B 129 -2.05 3.93 -36.36
CA GLU B 129 -0.92 4.68 -35.87
C GLU B 129 -1.33 6.00 -35.27
N ASP B 130 -0.80 6.27 -34.14
CA ASP B 130 -0.97 7.49 -33.50
C ASP B 130 0.27 8.09 -33.96
N PRO B 131 0.14 8.97 -34.93
CA PRO B 131 1.31 9.59 -35.55
C PRO B 131 2.17 10.37 -34.58
N LEU B 132 3.40 9.95 -34.63
CA LEU B 132 4.49 10.43 -33.80
C LEU B 132 5.49 11.59 -34.17
N THR B 133 6.30 11.90 -33.18
CA THR B 133 7.42 12.81 -33.22
C THR B 133 7.25 14.30 -33.49
N ASN B 134 8.41 14.94 -33.69
CA ASN B 134 8.53 16.39 -33.87
C ASN B 134 7.92 17.24 -32.74
N LEU B 135 8.32 16.98 -31.53
CA LEU B 135 7.81 17.73 -30.41
C LEU B 135 8.18 19.24 -30.29
N ASP B 136 7.15 20.06 -30.10
CA ASP B 136 7.24 21.47 -29.88
C ASP B 136 7.99 21.76 -28.61
N LYS B 137 7.78 20.94 -27.62
CA LYS B 137 8.44 21.19 -26.34
C LYS B 137 8.44 20.00 -25.39
N THR B 138 9.65 19.57 -25.01
CA THR B 138 9.81 18.46 -24.08
C THR B 138 10.21 19.08 -22.76
N LEU B 139 9.43 18.81 -21.73
CA LEU B 139 9.63 19.41 -20.41
C LEU B 139 9.87 18.32 -19.39
N ILE B 140 10.64 18.67 -18.37
CA ILE B 140 10.76 17.88 -17.16
C ILE B 140 10.34 18.77 -16.00
N MET B 141 9.51 18.23 -15.12
CA MET B 141 9.19 18.90 -13.87
C MET B 141 9.82 18.06 -12.77
N TYR B 142 10.74 18.65 -12.03
CA TYR B 142 11.43 17.91 -10.99
C TYR B 142 10.55 17.80 -9.76
N ASN B 143 10.99 16.94 -8.83
CA ASN B 143 10.27 16.79 -7.56
C ASN B 143 10.16 18.13 -6.86
N ASP B 144 11.20 18.97 -6.97
CA ASP B 144 11.16 20.30 -6.40
C ASP B 144 10.09 21.18 -7.05
N GLY B 145 9.52 20.74 -8.18
CA GLY B 145 8.47 21.45 -8.85
C GLY B 145 8.93 22.36 -9.97
N SER B 146 10.24 22.52 -10.15
CA SER B 146 10.75 23.39 -11.20
C SER B 146 10.62 22.73 -12.56
N VAL B 147 10.23 23.53 -13.54
CA VAL B 147 10.05 23.08 -14.91
C VAL B 147 11.22 23.59 -15.73
N GLU B 148 11.74 22.73 -16.61
CA GLU B 148 12.80 23.11 -17.52
C GLU B 148 12.43 22.61 -18.91
N SER B 149 12.61 23.46 -19.91
CA SER B 149 12.30 23.11 -21.28
C SER B 149 13.60 22.68 -21.95
N ILE B 150 13.62 21.46 -22.47
CA ILE B 150 14.82 20.87 -23.05
C ILE B 150 14.57 20.63 -24.52
N SER B 151 15.63 20.72 -25.31
CA SER B 151 15.54 20.43 -26.73
C SER B 151 15.10 18.97 -26.90
N PRO B 152 14.07 18.70 -27.70
CA PRO B 152 13.56 17.32 -27.80
C PRO B 152 14.62 16.31 -28.20
N ASP B 153 15.60 16.70 -29.02
CA ASP B 153 16.66 15.77 -29.35
C ASP B 153 17.52 15.49 -28.13
N GLU B 154 17.77 16.51 -27.31
CA GLU B 154 18.54 16.29 -26.09
C GLU B 154 17.70 15.60 -25.03
N PHE B 155 16.40 15.91 -24.99
CA PHE B 155 15.50 15.19 -24.09
C PHE B 155 15.46 13.71 -24.43
N GLY B 156 15.31 13.39 -25.72
CA GLY B 156 15.26 12.00 -26.13
C GLY B 156 16.57 11.27 -25.93
N LYS B 157 17.70 11.95 -26.15
CA LYS B 157 18.98 11.29 -25.98
C LYS B 157 19.19 10.84 -24.54
N ASN B 158 18.80 11.69 -23.58
CA ASN B 158 19.10 11.44 -22.18
C ASN B 158 18.16 10.42 -21.54
N ILE B 159 16.89 10.37 -21.97
CA ILE B 159 16.04 9.31 -21.46
C ILE B 159 16.50 7.95 -21.99
N ARG B 160 17.01 7.92 -23.23
CA ARG B 160 17.49 6.64 -23.74
C ARG B 160 18.73 6.19 -22.98
N ILE B 161 19.66 7.11 -22.72
CA ILE B 161 20.85 6.75 -21.96
C ILE B 161 20.44 6.22 -20.59
N ALA B 162 19.53 6.93 -19.92
CA ALA B 162 19.09 6.51 -18.60
C ALA B 162 18.41 5.15 -18.66
N PHE B 163 17.55 4.94 -19.66
CA PHE B 163 16.85 3.66 -19.76
C PHE B 163 17.82 2.52 -20.08
N GLU B 164 18.73 2.74 -21.03
CA GLU B 164 19.67 1.69 -21.40
C GLU B 164 20.63 1.37 -20.28
N LYS B 165 21.00 2.37 -19.47
CA LYS B 165 21.77 2.08 -18.26
C LYS B 165 20.93 1.33 -17.24
N LEU B 166 19.66 1.68 -17.11
CA LEU B 166 18.81 0.99 -16.15
C LEU B 166 18.67 -0.49 -16.48
N CYS B 167 18.57 -0.84 -17.77
CA CYS B 167 18.37 -2.23 -18.19
C CYS B 167 19.64 -2.87 -18.76
N HIS B 168 20.82 -2.42 -18.34
CA HIS B 168 22.07 -2.81 -19.02
C HIS B 168 22.26 -4.33 -19.05
N ASP B 169 21.78 -5.05 -18.05
CA ASP B 169 22.03 -6.48 -17.95
C ASP B 169 20.82 -7.31 -18.35
N ALA B 170 19.90 -6.73 -19.13
CA ALA B 170 18.65 -7.41 -19.44
C ALA B 170 18.87 -8.73 -20.18
N TRP B 171 19.84 -8.76 -21.10
CA TRP B 171 20.17 -10.01 -21.79
C TRP B 171 20.60 -11.09 -20.80
N GLU B 172 21.42 -10.71 -19.83
CA GLU B 172 21.99 -11.67 -18.91
C GLU B 172 20.95 -12.18 -17.91
N VAL B 173 20.08 -11.28 -17.42
CA VAL B 173 19.08 -11.61 -16.41
C VAL B 173 17.90 -12.39 -16.99
N PHE B 174 17.39 -11.95 -18.14
CA PHE B 174 16.22 -12.55 -18.79
C PHE B 174 16.56 -12.99 -20.21
N PRO B 175 17.41 -14.01 -20.36
CA PRO B 175 17.58 -14.63 -21.69
C PRO B 175 16.28 -15.17 -22.24
N ARG B 176 15.36 -15.57 -21.36
CA ARG B 176 14.05 -16.11 -21.75
C ARG B 176 13.00 -15.30 -21.01
N PRO B 177 12.60 -14.14 -21.55
CA PRO B 177 11.68 -13.28 -20.80
C PRO B 177 10.37 -13.97 -20.44
N HIS B 178 9.95 -15.01 -21.17
CA HIS B 178 8.71 -15.68 -20.83
C HIS B 178 8.90 -16.77 -19.77
N GLU B 179 10.13 -16.99 -19.29
CA GLU B 179 10.39 -17.81 -18.11
C GLU B 179 11.10 -16.92 -17.09
N PRO B 180 10.36 -16.11 -16.35
CA PRO B 180 11.00 -15.02 -15.58
C PRO B 180 12.05 -15.52 -14.61
N MET B 181 11.79 -16.64 -13.96
CA MET B 181 12.69 -17.17 -12.95
C MET B 181 13.72 -18.13 -13.52
N PHE B 182 13.98 -18.05 -14.83
CA PHE B 182 14.92 -18.97 -15.47
C PHE B 182 16.34 -18.84 -14.90
N THR B 183 16.79 -17.62 -14.63
CA THR B 183 18.13 -17.40 -14.10
C THR B 183 18.07 -17.13 -12.60
N GLU B 184 18.98 -17.75 -11.86
CA GLU B 184 19.18 -17.38 -10.46
C GLU B 184 19.47 -15.89 -10.35
N ARG B 185 20.13 -15.35 -11.36
CA ARG B 185 20.44 -13.92 -11.38
C ARG B 185 19.16 -13.08 -11.35
N ALA B 186 18.11 -13.53 -12.02
CA ALA B 186 16.82 -12.86 -11.92
C ALA B 186 16.26 -12.95 -10.50
N ARG B 187 16.44 -14.10 -9.84
CA ARG B 187 15.91 -14.24 -8.48
C ARG B 187 16.68 -13.38 -7.48
N GLU B 188 17.98 -13.17 -7.69
CA GLU B 188 18.73 -12.27 -6.80
C GLU B 188 18.19 -10.85 -6.89
N LEU B 189 18.02 -10.35 -8.11
CA LEU B 189 17.59 -8.98 -8.32
C LEU B 189 16.22 -8.70 -7.72
N ASP B 190 15.41 -9.73 -7.51
CA ASP B 190 14.10 -9.48 -6.91
C ASP B 190 14.21 -9.02 -5.46
N LYS B 191 15.41 -9.00 -4.88
CA LYS B 191 15.59 -8.35 -3.59
C LYS B 191 15.83 -6.85 -3.74
N SER B 192 16.16 -6.39 -4.94
CA SER B 192 16.41 -4.98 -5.20
C SER B 192 15.18 -4.33 -5.84
N SER B 193 15.03 -3.03 -5.58
CA SER B 193 13.98 -2.22 -6.19
C SER B 193 14.53 -1.46 -7.40
N VAL B 194 13.64 -0.72 -8.06
CA VAL B 194 14.09 0.13 -9.16
C VAL B 194 14.93 1.29 -8.66
N LEU B 195 14.53 1.92 -7.55
CA LEU B 195 15.33 3.01 -7.02
C LEU B 195 16.69 2.50 -6.53
N ASP B 196 16.75 1.27 -6.03
CA ASP B 196 18.04 0.68 -5.65
C ASP B 196 19.04 0.80 -6.80
N ARG B 197 18.63 0.39 -8.00
CA ARG B 197 19.52 0.43 -9.15
C ARG B 197 19.76 1.86 -9.62
N ILE B 198 18.69 2.68 -9.71
CA ILE B 198 18.86 4.05 -10.20
C ILE B 198 19.91 4.78 -9.35
N LYS B 199 19.92 4.50 -8.05
CA LYS B 199 20.90 5.11 -7.14
C LYS B 199 22.33 4.69 -7.47
N THR B 200 22.53 3.56 -8.15
CA THR B 200 23.88 3.10 -8.50
C THR B 200 24.35 3.55 -9.88
N LEU B 201 23.48 4.13 -10.70
CA LEU B 201 23.82 4.40 -12.11
C LEU B 201 24.45 5.76 -12.36
N GLY B 202 24.58 6.61 -11.36
CA GLY B 202 25.31 7.85 -11.56
C GLY B 202 24.75 8.77 -12.63
N LEU B 203 23.43 8.84 -12.74
CA LEU B 203 22.83 9.66 -13.78
C LEU B 203 22.92 11.14 -13.43
N SER B 204 22.72 11.97 -14.45
CA SER B 204 22.58 13.42 -14.29
C SER B 204 21.20 13.76 -13.70
N ARG B 205 21.06 15.01 -13.26
CA ARG B 205 19.78 15.43 -12.69
C ARG B 205 18.64 15.25 -13.68
N LEU B 206 18.88 15.57 -14.95
CA LEU B 206 17.85 15.37 -15.97
C LEU B 206 17.58 13.88 -16.19
N GLN B 207 18.64 13.09 -16.44
CA GLN B 207 18.46 11.66 -16.69
C GLN B 207 17.80 10.98 -15.51
N GLN B 208 18.24 11.31 -14.29
CA GLN B 208 17.66 10.67 -13.11
C GLN B 208 16.20 11.07 -12.94
N ALA B 209 15.88 12.34 -13.14
CA ALA B 209 14.47 12.74 -13.08
C ALA B 209 13.65 12.06 -14.18
N GLN B 210 14.21 11.96 -15.39
CA GLN B 210 13.49 11.35 -16.50
C GLN B 210 13.19 9.88 -16.20
N ILE B 211 14.23 9.10 -15.90
CA ILE B 211 14.02 7.66 -15.69
C ILE B 211 13.16 7.43 -14.45
N ASN B 212 13.31 8.26 -13.42
CA ASN B 212 12.49 8.09 -12.24
C ASN B 212 11.04 8.45 -12.51
N SER B 213 10.81 9.49 -13.33
CA SER B 213 9.44 9.81 -13.72
C SER B 213 8.84 8.66 -14.52
N TYR B 214 9.67 8.06 -15.37
CA TYR B 214 9.21 6.95 -16.20
C TYR B 214 8.94 5.70 -15.36
N MET B 215 9.87 5.38 -14.45
CA MET B 215 9.71 4.20 -13.60
C MET B 215 8.60 4.39 -12.59
N ALA B 216 8.37 5.63 -12.15
CA ALA B 216 7.22 5.88 -11.29
C ALA B 216 5.92 5.65 -12.03
N LEU B 217 5.89 5.98 -13.33
CA LEU B 217 4.72 5.68 -14.13
C LEU B 217 4.49 4.18 -14.23
N TYR B 218 5.53 3.41 -14.61
CA TYR B 218 5.37 1.97 -14.70
C TYR B 218 4.99 1.35 -13.36
N ALA B 219 5.46 1.94 -12.26
CA ALA B 219 5.07 1.43 -10.95
C ALA B 219 3.68 1.84 -10.57
N GLY B 220 3.21 2.98 -11.09
CA GLY B 220 2.07 3.62 -10.48
C GLY B 220 2.31 3.85 -9.01
N GLU B 221 3.55 4.14 -8.63
CA GLU B 221 4.01 4.18 -7.25
C GLU B 221 5.41 4.77 -7.21
N THR B 222 5.86 5.09 -6.00
CA THR B 222 7.22 5.60 -5.81
C THR B 222 8.23 4.52 -6.14
N THR B 223 9.37 4.91 -6.72
CA THR B 223 10.29 3.94 -7.29
C THR B 223 11.07 3.14 -6.25
N ASP B 224 11.02 3.53 -4.97
CA ASP B 224 11.60 2.69 -3.92
C ASP B 224 10.79 1.42 -3.69
N LYS B 225 9.51 1.41 -4.06
CA LYS B 225 8.66 0.24 -3.91
C LYS B 225 8.60 -0.62 -5.17
N PHE B 226 9.11 -0.14 -6.29
CA PHE B 226 8.93 -0.83 -7.56
C PHE B 226 9.95 -1.97 -7.68
N GLY B 227 9.45 -3.19 -7.84
CA GLY B 227 10.33 -4.33 -8.10
C GLY B 227 11.14 -4.17 -9.37
N LEU B 228 12.42 -4.54 -9.29
CA LEU B 228 13.33 -4.27 -10.40
C LEU B 228 13.28 -5.29 -11.54
N PRO B 229 13.27 -6.61 -11.30
CA PRO B 229 13.27 -7.55 -12.45
C PRO B 229 12.07 -7.40 -13.35
N GLY B 230 10.91 -7.02 -12.83
CA GLY B 230 9.74 -6.86 -13.69
C GLY B 230 9.98 -5.92 -14.85
N VAL B 231 10.69 -4.81 -14.60
CA VAL B 231 10.95 -3.84 -15.66
C VAL B 231 12.00 -4.37 -16.63
N LEU B 232 13.04 -5.04 -16.10
CA LEU B 232 14.04 -5.64 -16.98
C LEU B 232 13.38 -6.66 -17.92
N LYS B 233 12.46 -7.45 -17.37
CA LYS B 233 11.77 -8.47 -18.16
C LYS B 233 10.99 -7.86 -19.31
N LEU B 234 10.27 -6.77 -19.04
CA LEU B 234 9.53 -6.10 -20.11
C LEU B 234 10.47 -5.61 -21.20
N PHE B 235 11.56 -4.95 -20.81
CA PHE B 235 12.59 -4.56 -21.77
C PHE B 235 13.07 -5.76 -22.57
N ALA B 236 13.32 -6.89 -21.89
CA ALA B 236 13.78 -8.09 -22.57
C ALA B 236 12.75 -8.60 -23.56
N CYS B 237 11.46 -8.57 -23.20
CA CYS B 237 10.40 -9.00 -24.11
C CYS B 237 10.43 -8.24 -25.43
N GLY B 238 10.84 -6.98 -25.40
CA GLY B 238 10.89 -6.16 -26.59
C GLY B 238 12.20 -6.26 -27.34
N GLY B 239 12.76 -7.47 -27.41
CA GLY B 239 14.01 -7.70 -28.11
C GLY B 239 15.24 -7.14 -27.45
N TRP B 240 15.22 -6.98 -26.12
CA TRP B 240 16.34 -6.44 -25.35
C TRP B 240 16.88 -5.13 -25.94
N ASN B 241 15.99 -4.33 -26.53
CA ASN B 241 16.40 -3.20 -27.36
C ASN B 241 15.51 -2.00 -27.10
N TYR B 242 16.13 -0.83 -26.88
CA TYR B 242 15.38 0.37 -26.50
C TYR B 242 14.40 0.79 -27.57
N ASP B 243 14.85 0.86 -28.83
CA ASP B 243 13.96 1.34 -29.89
C ASP B 243 12.80 0.37 -30.14
N ALA B 244 13.08 -0.94 -30.12
CA ALA B 244 11.99 -1.90 -30.28
C ALA B 244 10.99 -1.78 -29.14
N PHE B 245 11.49 -1.78 -27.91
CA PHE B 245 10.62 -1.69 -26.74
C PHE B 245 9.83 -0.38 -26.75
N MET B 246 10.50 0.74 -27.04
CA MET B 246 9.82 2.02 -27.15
C MET B 246 8.70 1.97 -28.17
N ASP B 247 8.89 1.21 -29.26
CA ASP B 247 7.88 1.20 -30.31
C ASP B 247 6.56 0.59 -29.86
N THR B 248 6.56 -0.20 -28.77
CA THR B 248 5.36 -0.86 -28.27
C THR B 248 4.51 0.03 -27.36
N GLU B 249 5.02 1.19 -26.96
CA GLU B 249 4.42 1.92 -25.86
C GLU B 249 3.15 2.67 -26.25
N THR B 250 3.25 3.60 -27.19
CA THR B 250 2.11 4.47 -27.51
C THR B 250 1.99 4.68 -29.00
N HIS B 251 2.42 3.71 -29.80
CA HIS B 251 2.53 3.92 -31.24
C HIS B 251 1.31 3.43 -31.99
N TYR B 252 0.86 2.21 -31.73
CA TYR B 252 -0.18 1.60 -32.54
C TYR B 252 -1.35 1.19 -31.67
N ARG B 253 -2.56 1.49 -32.14
CA ARG B 253 -3.80 1.02 -31.57
C ARG B 253 -4.46 0.02 -32.52
N ILE B 254 -5.45 -0.68 -32.01
CA ILE B 254 -6.13 -1.71 -32.77
C ILE B 254 -7.18 -1.10 -33.69
N GLN B 255 -7.23 -1.55 -34.93
CA GLN B 255 -8.31 -1.19 -35.82
C GLN B 255 -9.64 -1.63 -35.21
N GLY B 256 -10.59 -0.70 -35.13
CA GLY B 256 -11.84 -0.98 -34.45
C GLY B 256 -11.77 -0.92 -32.94
N GLY B 257 -10.65 -0.50 -32.37
CA GLY B 257 -10.52 -0.36 -30.93
C GLY B 257 -10.34 -1.67 -30.19
N THR B 258 -10.00 -1.55 -28.91
CA THR B 258 -9.90 -2.74 -28.04
C THR B 258 -11.24 -3.44 -27.90
N ILE B 259 -12.34 -2.67 -27.81
CA ILE B 259 -13.65 -3.29 -27.65
C ILE B 259 -14.02 -4.10 -28.91
N GLY B 260 -13.49 -3.70 -30.07
CA GLY B 260 -13.73 -4.49 -31.27
C GLY B 260 -13.16 -5.88 -31.18
N LEU B 261 -11.94 -6.00 -30.63
CA LEU B 261 -11.34 -7.32 -30.50
C LEU B 261 -12.03 -8.12 -29.40
N ILE B 262 -12.38 -7.47 -28.28
CA ILE B 262 -13.16 -8.12 -27.23
C ILE B 262 -14.45 -8.69 -27.82
N ASN B 263 -15.17 -7.86 -28.59
CA ASN B 263 -16.45 -8.31 -29.13
C ASN B 263 -16.27 -9.40 -30.18
N ALA B 264 -15.22 -9.32 -31.00
CA ALA B 264 -14.95 -10.39 -31.97
C ALA B 264 -14.72 -11.72 -31.29
N MET B 265 -13.93 -11.73 -30.20
CA MET B 265 -13.70 -12.97 -29.47
C MET B 265 -14.98 -13.48 -28.83
N LEU B 266 -15.76 -12.58 -28.21
CA LEU B 266 -16.96 -13.03 -27.54
C LEU B 266 -18.01 -13.52 -28.53
N THR B 267 -18.15 -12.85 -29.67
CA THR B 267 -19.03 -13.37 -30.73
C THR B 267 -18.55 -14.75 -31.18
N ASP B 268 -17.25 -14.88 -31.44
CA ASP B 268 -16.67 -16.16 -31.85
C ASP B 268 -16.92 -17.25 -30.82
N SER B 269 -16.77 -16.92 -29.54
CA SER B 269 -16.91 -17.92 -28.48
C SER B 269 -18.29 -18.56 -28.46
N GLY B 270 -19.32 -17.82 -28.84
CA GLY B 270 -20.68 -18.27 -28.63
C GLY B 270 -21.14 -18.22 -27.19
N ALA B 271 -20.30 -17.72 -26.28
CA ALA B 271 -20.60 -17.82 -24.85
C ALA B 271 -21.74 -16.89 -24.45
N GLU B 272 -22.43 -17.27 -23.38
CA GLU B 272 -23.38 -16.36 -22.76
C GLU B 272 -22.61 -15.28 -21.99
N VAL B 273 -22.99 -14.02 -22.19
CA VAL B 273 -22.32 -12.88 -21.55
C VAL B 273 -23.36 -12.13 -20.72
N ARG B 274 -23.10 -11.98 -19.43
CA ARG B 274 -23.99 -11.19 -18.58
C ARG B 274 -23.20 -10.09 -17.88
N MET B 275 -23.65 -8.86 -18.06
CA MET B 275 -22.99 -7.68 -17.52
C MET B 275 -23.77 -7.12 -16.34
N SER B 276 -23.07 -6.28 -15.59
CA SER B 276 -23.53 -5.75 -14.31
C SER B 276 -23.98 -6.90 -13.41
N VAL B 277 -23.12 -7.90 -13.32
CA VAL B 277 -23.34 -9.10 -12.50
C VAL B 277 -22.06 -9.41 -11.70
N PRO B 278 -21.75 -8.63 -10.67
CA PRO B 278 -20.56 -8.91 -9.86
C PRO B 278 -20.65 -10.24 -9.13
N VAL B 279 -19.56 -10.99 -9.14
CA VAL B 279 -19.45 -12.23 -8.38
C VAL B 279 -18.94 -11.91 -6.99
N THR B 280 -19.69 -12.34 -5.96
CA THR B 280 -19.32 -12.07 -4.57
C THR B 280 -18.69 -13.27 -3.87
N ALA B 281 -18.93 -14.48 -4.34
CA ALA B 281 -18.38 -15.65 -3.68
C ALA B 281 -18.35 -16.82 -4.66
N VAL B 282 -17.38 -17.70 -4.43
CA VAL B 282 -17.13 -18.88 -5.25
C VAL B 282 -16.83 -20.03 -4.32
N GLU B 283 -17.60 -21.12 -4.43
CA GLU B 283 -17.42 -22.25 -3.52
C GLU B 283 -17.16 -23.52 -4.32
N GLN B 284 -16.15 -24.28 -3.90
CA GLN B 284 -15.80 -25.55 -4.52
C GLN B 284 -16.62 -26.61 -3.80
N VAL B 285 -17.74 -26.97 -4.39
CA VAL B 285 -18.62 -27.97 -3.80
C VAL B 285 -19.03 -28.96 -4.88
N ASN B 286 -19.31 -30.19 -4.46
CA ASN B 286 -19.60 -31.27 -5.39
C ASN B 286 -18.49 -31.37 -6.43
N GLY B 287 -18.83 -31.75 -7.66
CA GLY B 287 -17.82 -31.94 -8.68
C GLY B 287 -17.17 -30.67 -9.19
N GLY B 288 -17.71 -29.51 -8.85
CA GLY B 288 -17.31 -28.28 -9.50
C GLY B 288 -17.31 -27.09 -8.57
N VAL B 289 -17.97 -26.00 -8.96
CA VAL B 289 -17.97 -24.78 -8.15
C VAL B 289 -19.38 -24.21 -8.08
N LYS B 290 -19.61 -23.44 -7.02
CA LYS B 290 -20.86 -22.72 -6.76
C LYS B 290 -20.55 -21.24 -6.65
N ILE B 291 -21.28 -20.43 -7.42
CA ILE B 291 -20.96 -19.01 -7.62
C ILE B 291 -22.16 -18.16 -7.21
N LYS B 292 -21.92 -17.19 -6.33
CA LYS B 292 -22.96 -16.26 -5.85
C LYS B 292 -22.70 -14.88 -6.45
N THR B 293 -23.70 -14.33 -7.16
CA THR B 293 -23.58 -12.95 -7.66
C THR B 293 -23.88 -11.96 -6.52
N ASP B 294 -24.09 -10.68 -6.87
CA ASP B 294 -24.45 -9.71 -5.83
C ASP B 294 -25.93 -9.81 -5.52
N ASP B 295 -26.77 -9.81 -6.55
CA ASP B 295 -28.17 -10.08 -6.35
C ASP B 295 -27.82 -11.52 -6.05
N ASP B 296 -28.31 -12.09 -4.95
CA ASP B 296 -27.86 -13.44 -4.61
C ASP B 296 -28.45 -14.45 -5.59
N GLU B 297 -27.89 -14.49 -6.79
CA GLU B 297 -28.11 -15.54 -7.75
C GLU B 297 -27.04 -16.61 -7.49
N ILE B 298 -27.39 -17.86 -7.73
CA ILE B 298 -26.44 -18.96 -7.54
C ILE B 298 -26.27 -19.65 -8.88
N ILE B 299 -25.01 -19.79 -9.31
CA ILE B 299 -24.66 -20.38 -10.60
C ILE B 299 -23.68 -21.52 -10.34
N THR B 300 -23.96 -22.69 -10.90
CA THR B 300 -23.06 -23.83 -10.78
C THR B 300 -22.33 -24.01 -12.09
N ALA B 301 -21.06 -24.43 -12.00
CA ALA B 301 -20.26 -24.72 -13.17
C ALA B 301 -19.24 -25.79 -12.84
N GLY B 302 -18.84 -26.54 -13.87
CA GLY B 302 -17.76 -27.49 -13.68
C GLY B 302 -16.45 -26.80 -13.35
N VAL B 303 -16.20 -25.65 -13.96
CA VAL B 303 -14.95 -24.93 -13.80
C VAL B 303 -15.24 -23.44 -13.78
N VAL B 304 -14.44 -22.69 -13.01
CA VAL B 304 -14.50 -21.24 -12.97
C VAL B 304 -13.12 -20.70 -13.31
N VAL B 305 -13.08 -19.71 -14.22
CA VAL B 305 -11.86 -18.99 -14.61
C VAL B 305 -11.95 -17.59 -14.00
N MET B 306 -11.12 -17.30 -13.01
CA MET B 306 -11.12 -15.98 -12.40
C MET B 306 -10.09 -15.13 -13.14
N THR B 307 -10.54 -13.98 -13.67
CA THR B 307 -9.66 -13.04 -14.38
C THR B 307 -9.71 -11.65 -13.78
N VAL B 308 -10.26 -11.51 -12.58
CA VAL B 308 -10.42 -10.26 -11.86
C VAL B 308 -9.05 -9.66 -11.56
N PRO B 309 -8.94 -8.34 -11.50
CA PRO B 309 -7.65 -7.73 -11.12
C PRO B 309 -7.27 -8.21 -9.74
N LEU B 310 -5.97 -8.40 -9.53
CA LEU B 310 -5.50 -8.89 -8.24
C LEU B 310 -6.01 -8.04 -7.08
N ASN B 311 -6.03 -6.71 -7.26
CA ASN B 311 -6.47 -5.82 -6.19
C ASN B 311 -7.96 -5.91 -5.90
N THR B 312 -8.72 -6.69 -6.67
CA THR B 312 -10.14 -6.82 -6.42
C THR B 312 -10.54 -8.16 -5.82
N TYR B 313 -9.57 -9.05 -5.54
CA TYR B 313 -9.92 -10.33 -4.93
C TYR B 313 -10.65 -10.17 -3.59
N LYS B 314 -10.51 -9.02 -2.93
CA LYS B 314 -11.19 -8.81 -1.65
C LYS B 314 -12.72 -8.90 -1.77
N HIS B 315 -13.28 -8.53 -2.94
CA HIS B 315 -14.73 -8.53 -3.05
C HIS B 315 -15.32 -9.93 -3.15
N ILE B 316 -14.49 -10.97 -3.21
CA ILE B 316 -14.95 -12.32 -3.54
C ILE B 316 -14.55 -13.25 -2.42
N GLY B 317 -15.54 -13.89 -1.81
CA GLY B 317 -15.27 -14.88 -0.79
C GLY B 317 -14.99 -16.25 -1.41
N PHE B 318 -13.96 -16.90 -0.89
CA PHE B 318 -13.53 -18.19 -1.39
C PHE B 318 -13.79 -19.26 -0.34
N THR B 319 -14.50 -20.31 -0.75
CA THR B 319 -14.79 -21.45 0.11
C THR B 319 -14.44 -22.72 -0.68
N PRO B 320 -13.39 -23.44 -0.27
CA PRO B 320 -12.48 -23.23 0.86
C PRO B 320 -11.50 -22.08 0.63
N ALA B 321 -10.48 -21.96 1.47
CA ALA B 321 -9.48 -20.92 1.34
C ALA B 321 -8.45 -21.30 0.28
N LEU B 322 -7.93 -20.28 -0.42
CA LEU B 322 -6.90 -20.49 -1.42
C LEU B 322 -5.56 -20.79 -0.74
N SER B 323 -4.57 -21.14 -1.56
CA SER B 323 -3.26 -21.42 -1.04
C SER B 323 -2.74 -20.28 -0.17
N LYS B 324 -1.83 -20.62 0.73
CA LYS B 324 -1.22 -19.56 1.52
C LYS B 324 -0.28 -18.73 0.67
N GLY B 325 0.31 -19.33 -0.38
CA GLY B 325 1.12 -18.54 -1.29
C GLY B 325 0.31 -17.51 -2.06
N LYS B 326 -0.90 -17.90 -2.47
CA LYS B 326 -1.77 -16.98 -3.21
C LYS B 326 -2.38 -15.93 -2.29
N GLN B 327 -2.78 -16.34 -1.08
CA GLN B 327 -3.35 -15.38 -0.12
C GLN B 327 -2.34 -14.28 0.20
N ARG B 328 -1.06 -14.64 0.32
CA ARG B 328 -0.03 -13.63 0.53
C ARG B 328 0.01 -12.64 -0.63
N PHE B 329 -0.20 -13.13 -1.85
CA PHE B 329 -0.23 -12.25 -3.02
C PHE B 329 -1.44 -11.33 -2.99
N ILE B 330 -2.61 -11.88 -2.69
CA ILE B 330 -3.86 -11.12 -2.72
C ILE B 330 -3.82 -9.98 -1.71
N LYS B 331 -3.28 -10.23 -0.53
CA LYS B 331 -3.20 -9.16 0.45
C LYS B 331 -2.07 -8.18 0.11
N GLU B 332 -0.97 -8.69 -0.46
CA GLU B 332 0.20 -7.91 -0.91
C GLU B 332 -0.36 -7.00 -1.96
N GLY B 333 -1.15 -7.54 -2.85
CA GLY B 333 -1.83 -6.85 -3.93
C GLY B 333 -0.92 -6.40 -5.07
N GLN B 334 -1.43 -5.51 -5.92
CA GLN B 334 -0.69 -4.92 -7.03
C GLN B 334 -0.49 -3.43 -6.73
N LEU B 335 0.74 -2.95 -6.92
CA LEU B 335 1.11 -1.53 -6.66
C LEU B 335 0.50 -0.39 -7.33
N SER B 336 0.22 -0.49 -8.60
CA SER B 336 -0.28 0.62 -9.34
C SER B 336 -1.48 1.35 -8.75
N LYS B 337 -1.35 2.68 -8.77
CA LYS B 337 -2.32 3.68 -8.33
C LYS B 337 -2.61 4.68 -9.43
N GLY B 338 -2.42 4.25 -10.66
CA GLY B 338 -2.53 5.19 -11.75
C GLY B 338 -3.96 5.69 -11.95
N ALA B 339 -4.04 6.84 -12.63
CA ALA B 339 -5.31 7.42 -13.04
C ALA B 339 -5.08 8.13 -14.37
N LYS B 340 -6.13 8.24 -15.18
CA LYS B 340 -5.99 8.82 -16.51
C LYS B 340 -6.88 10.03 -16.63
N LEU B 341 -6.38 11.07 -17.30
CA LEU B 341 -7.02 12.37 -17.33
C LEU B 341 -6.77 13.04 -18.67
N TYR B 342 -7.82 13.64 -19.23
CA TYR B 342 -7.70 14.43 -20.45
C TYR B 342 -8.12 15.86 -20.16
N VAL B 343 -7.35 16.82 -20.65
CA VAL B 343 -7.57 18.24 -20.42
C VAL B 343 -7.70 18.95 -21.77
N HIS B 344 -8.74 19.77 -21.90
CA HIS B 344 -8.98 20.61 -23.07
C HIS B 344 -8.61 22.06 -22.75
N VAL B 345 -7.51 22.55 -23.32
CA VAL B 345 -7.09 23.94 -23.15
C VAL B 345 -7.38 24.73 -24.42
N LYS B 346 -7.58 26.04 -24.26
CA LYS B 346 -7.92 26.92 -25.37
C LYS B 346 -6.80 27.03 -26.39
N GLN B 347 -5.58 27.25 -25.92
CA GLN B 347 -4.46 27.52 -26.80
C GLN B 347 -4.06 26.27 -27.57
N ASN B 348 -3.44 26.51 -28.74
CA ASN B 348 -2.81 25.44 -29.49
C ASN B 348 -1.37 25.38 -29.03
N LEU B 349 -1.06 24.40 -28.21
CA LEU B 349 0.30 24.20 -27.73
C LEU B 349 1.10 23.33 -28.68
N GLY B 350 0.51 22.99 -29.83
CA GLY B 350 1.18 22.13 -30.76
C GLY B 350 1.31 20.76 -30.12
N ARG B 351 2.48 20.16 -30.33
CA ARG B 351 2.80 18.85 -29.79
C ARG B 351 3.76 19.05 -28.63
N VAL B 352 3.34 18.62 -27.44
CA VAL B 352 4.14 18.77 -26.26
C VAL B 352 4.30 17.40 -25.64
N PHE B 353 5.30 17.29 -24.79
CA PHE B 353 5.51 16.10 -23.98
C PHE B 353 6.21 16.55 -22.71
N ALA B 354 5.82 15.95 -21.59
CA ALA B 354 6.48 16.26 -20.34
C ALA B 354 6.55 15.01 -19.47
N PHE B 355 7.64 14.92 -18.73
CA PHE B 355 7.75 14.05 -17.58
C PHE B 355 7.67 14.92 -16.34
N ALA B 356 7.00 14.42 -15.32
CA ALA B 356 7.01 15.05 -14.00
C ALA B 356 7.39 13.97 -13.02
N ASP B 357 8.33 14.28 -12.13
CA ASP B 357 8.86 13.28 -11.24
C ASP B 357 7.81 12.87 -10.19
N GLU B 358 8.08 11.76 -9.52
CA GLU B 358 7.11 11.04 -8.70
C GLU B 358 6.45 11.90 -7.63
N GLN B 359 7.08 13.00 -7.21
CA GLN B 359 6.43 13.87 -6.24
C GLN B 359 5.43 14.83 -6.88
N GLN B 360 5.44 14.96 -8.19
CA GLN B 360 4.47 15.83 -8.84
C GLN B 360 3.34 14.99 -9.44
N PRO B 361 2.17 15.60 -9.70
CA PRO B 361 1.02 14.80 -10.15
C PRO B 361 1.01 14.41 -11.63
N LEU B 362 1.36 15.32 -12.55
CA LEU B 362 1.18 15.08 -13.99
C LEU B 362 2.42 14.44 -14.59
N ASN B 363 2.61 13.16 -14.26
CA ASN B 363 3.89 12.49 -14.57
C ASN B 363 4.08 12.19 -16.04
N TRP B 364 3.01 12.11 -16.82
CA TRP B 364 3.11 11.87 -18.26
C TRP B 364 2.08 12.77 -18.93
N VAL B 365 2.56 13.78 -19.66
CA VAL B 365 1.70 14.66 -20.45
C VAL B 365 2.12 14.52 -21.90
N GLN B 366 1.14 14.34 -22.77
CA GLN B 366 1.39 14.28 -24.20
C GLN B 366 0.23 14.95 -24.91
N THR B 367 0.50 15.49 -26.09
CA THR B 367 -0.56 16.06 -26.91
C THR B 367 -1.37 14.94 -27.52
N HIS B 368 -2.66 14.89 -27.19
CA HIS B 368 -3.54 13.95 -27.86
C HIS B 368 -4.04 14.52 -29.18
N ASP B 369 -4.38 15.81 -29.19
CA ASP B 369 -4.75 16.46 -30.44
C ASP B 369 -4.60 17.96 -30.27
N TYR B 370 -4.39 18.66 -31.38
CA TYR B 370 -4.22 20.09 -31.37
C TYR B 370 -4.67 20.64 -32.71
N SER B 371 -5.18 21.86 -32.68
CA SER B 371 -5.44 22.65 -33.88
C SER B 371 -5.82 24.05 -33.43
N ASP B 372 -5.84 24.98 -34.37
CA ASP B 372 -6.30 26.33 -34.00
C ASP B 372 -7.79 26.36 -33.72
N GLU B 373 -8.59 25.63 -34.51
CA GLU B 373 -10.02 25.55 -34.21
C GLU B 373 -10.27 24.80 -32.90
N LEU B 374 -9.44 23.79 -32.60
CA LEU B 374 -9.60 22.92 -31.43
C LEU B 374 -9.04 23.53 -30.16
N GLY B 375 -7.82 24.03 -30.22
CA GLY B 375 -7.02 24.26 -29.04
C GLY B 375 -6.03 23.11 -28.83
N THR B 376 -6.03 22.55 -27.63
CA THR B 376 -5.18 21.39 -27.36
C THR B 376 -5.90 20.47 -26.38
N ILE B 377 -5.95 19.17 -26.71
CA ILE B 377 -6.34 18.14 -25.76
C ILE B 377 -5.07 17.43 -25.30
N LEU B 378 -4.82 17.50 -24.00
CA LEU B 378 -3.66 16.89 -23.38
C LEU B 378 -4.09 15.58 -22.72
N SER B 379 -3.35 14.53 -23.01
CA SER B 379 -3.55 13.23 -22.40
C SER B 379 -2.57 13.10 -21.24
N ILE B 380 -3.08 12.75 -20.06
CA ILE B 380 -2.26 12.77 -18.85
C ILE B 380 -2.45 11.48 -18.08
N THR B 381 -1.35 10.84 -17.74
CA THR B 381 -1.35 9.68 -16.87
C THR B 381 -0.69 10.08 -15.56
N ILE B 382 -1.36 9.77 -14.46
CA ILE B 382 -0.92 10.14 -13.13
C ILE B 382 -0.44 8.87 -12.45
N ALA B 383 0.80 8.90 -11.96
CA ALA B 383 1.36 7.72 -11.30
C ALA B 383 0.58 7.36 -10.06
N ARG B 384 0.22 8.36 -9.26
CA ARG B 384 -0.39 8.16 -7.96
C ARG B 384 -1.65 9.00 -7.85
N LYS B 385 -2.77 8.37 -7.57
CA LYS B 385 -3.99 9.16 -7.46
C LYS B 385 -4.05 9.97 -6.16
N GLU B 386 -3.18 9.71 -5.22
CA GLU B 386 -3.08 10.53 -3.99
C GLU B 386 -2.66 12.00 -4.33
N THR B 387 -1.83 12.18 -5.34
CA THR B 387 -1.33 13.43 -5.79
C THR B 387 -2.22 14.50 -6.37
N ILE B 388 -3.41 14.22 -6.84
CA ILE B 388 -4.21 15.23 -7.48
C ILE B 388 -5.71 14.98 -7.40
N ASP B 389 -6.55 16.01 -7.45
CA ASP B 389 -7.99 15.85 -7.43
C ASP B 389 -8.59 16.06 -8.82
N VAL B 390 -8.80 14.99 -9.53
CA VAL B 390 -9.29 15.14 -10.88
C VAL B 390 -10.63 15.87 -11.18
N ASN B 391 -11.68 15.77 -10.38
CA ASN B 391 -12.94 16.54 -10.65
C ASN B 391 -12.66 18.08 -10.37
N ASP B 392 -11.79 18.41 -9.42
CA ASP B 392 -11.57 19.81 -9.14
C ASP B 392 -11.08 20.48 -10.47
N ARG B 393 -11.93 21.36 -10.99
CA ARG B 393 -11.66 22.08 -12.20
C ARG B 393 -10.57 23.06 -11.98
N ASP B 394 -10.62 23.72 -10.82
CA ASP B 394 -9.61 24.70 -10.39
C ASP B 394 -8.27 24.05 -10.13
N ALA B 395 -8.32 22.92 -9.46
CA ALA B 395 -7.14 22.21 -9.12
C ALA B 395 -6.32 21.69 -10.32
N VAL B 396 -7.00 21.04 -11.27
CA VAL B 396 -6.37 20.47 -12.45
C VAL B 396 -5.77 21.62 -13.23
N THR B 397 -6.56 22.65 -13.27
CA THR B 397 -6.26 23.84 -14.00
C THR B 397 -5.03 24.40 -13.48
N ARG B 398 -4.86 24.40 -12.17
CA ARG B 398 -3.66 24.94 -11.61
C ARG B 398 -2.48 24.17 -11.99
N GLU B 399 -2.59 22.87 -11.85
CA GLU B 399 -1.51 21.97 -12.10
C GLU B 399 -1.03 22.04 -13.50
N VAL B 400 -1.93 22.23 -14.40
CA VAL B 400 -1.50 22.30 -15.79
C VAL B 400 -0.82 23.64 -16.09
N GLN B 401 -1.27 24.69 -15.42
CA GLN B 401 -0.69 26.01 -15.59
C GLN B 401 0.78 25.96 -15.19
N LYS B 402 1.08 25.26 -14.10
CA LYS B 402 2.46 25.12 -13.64
C LYS B 402 3.36 24.63 -14.76
N MET B 403 2.81 23.84 -15.67
CA MET B 403 3.57 23.32 -16.80
C MET B 403 3.45 24.22 -18.03
N PHE B 404 2.26 24.76 -18.30
CA PHE B 404 2.01 25.59 -19.48
C PHE B 404 1.39 26.89 -19.01
N PRO B 405 2.20 27.87 -18.65
CA PRO B 405 1.67 29.08 -18.00
C PRO B 405 0.64 29.80 -18.87
N GLY B 406 -0.44 30.23 -18.24
CA GLY B 406 -1.46 31.01 -18.91
C GLY B 406 -2.39 30.23 -19.83
N VAL B 407 -2.53 28.92 -19.64
CA VAL B 407 -3.51 28.14 -20.39
C VAL B 407 -4.83 28.20 -19.62
N GLU B 408 -5.94 28.15 -20.35
CA GLU B 408 -7.28 28.10 -19.75
C GLU B 408 -7.93 26.78 -20.15
N VAL B 409 -8.46 26.07 -19.17
CA VAL B 409 -9.04 24.75 -19.39
C VAL B 409 -10.51 24.90 -19.77
N LEU B 410 -10.90 24.35 -20.92
CA LEU B 410 -12.31 24.35 -21.28
C LEU B 410 -13.07 23.23 -20.57
N GLY B 411 -12.45 22.07 -20.43
CA GLY B 411 -13.09 20.93 -19.80
C GLY B 411 -12.06 19.85 -19.55
N THR B 412 -12.48 18.88 -18.76
CA THR B 412 -11.63 17.76 -18.35
C THR B 412 -12.44 16.48 -18.35
N ALA B 413 -11.75 15.37 -18.55
CA ALA B 413 -12.32 14.04 -18.42
C ALA B 413 -11.29 13.18 -17.73
N ALA B 414 -11.72 12.42 -16.73
CA ALA B 414 -10.78 11.63 -15.95
C ALA B 414 -11.38 10.29 -15.62
N TYR B 415 -10.53 9.27 -15.56
CA TYR B 415 -10.93 7.94 -15.12
C TYR B 415 -9.99 7.51 -14.00
N ASP B 416 -10.50 7.50 -12.77
CA ASP B 416 -9.71 7.15 -11.59
C ASP B 416 -9.82 5.64 -11.40
N TRP B 417 -8.83 4.91 -11.94
CA TRP B 417 -8.82 3.46 -11.88
C TRP B 417 -8.66 2.96 -10.45
N THR B 418 -7.90 3.67 -9.62
CA THR B 418 -7.67 3.22 -8.24
C THR B 418 -8.95 3.31 -7.41
N ALA B 419 -9.90 4.15 -7.80
CA ALA B 419 -11.17 4.24 -7.09
C ALA B 419 -12.22 3.25 -7.59
N ASP B 420 -12.12 2.79 -8.84
CA ASP B 420 -13.09 1.83 -9.40
C ASP B 420 -13.08 0.53 -8.61
N PRO B 421 -14.20 0.12 -8.01
CA PRO B 421 -14.19 -1.10 -7.17
C PRO B 421 -13.80 -2.35 -7.92
N PHE B 422 -13.91 -2.36 -9.26
CA PHE B 422 -13.57 -3.53 -10.05
C PHE B 422 -12.22 -3.43 -10.75
N SER B 423 -11.38 -2.46 -10.39
CA SER B 423 -9.97 -2.47 -10.74
C SER B 423 -9.14 -2.12 -9.49
N LEU B 424 -9.53 -1.08 -8.77
CA LEU B 424 -8.87 -0.68 -7.53
C LEU B 424 -7.35 -0.63 -7.71
N GLY B 425 -6.94 0.07 -8.76
CA GLY B 425 -5.55 0.09 -9.20
C GLY B 425 -5.51 0.15 -10.71
N ALA B 426 -4.32 0.15 -11.30
CA ALA B 426 -4.19 0.34 -12.74
C ALA B 426 -3.52 -0.86 -13.40
N TRP B 427 -2.56 -0.61 -14.29
CA TRP B 427 -1.80 -1.68 -14.94
C TRP B 427 -1.00 -2.44 -13.90
N ALA B 428 -0.70 -3.70 -14.20
CA ALA B 428 0.02 -4.55 -13.26
C ALA B 428 1.43 -4.04 -13.03
N ALA B 429 1.80 -3.88 -11.76
CA ALA B 429 3.13 -3.45 -11.39
C ALA B 429 3.54 -4.24 -10.16
N TYR B 430 4.62 -5.00 -10.27
CA TYR B 430 5.05 -5.87 -9.17
C TYR B 430 5.86 -5.09 -8.16
N GLY B 431 5.61 -5.38 -6.88
CA GLY B 431 6.46 -4.90 -5.82
C GLY B 431 7.70 -5.75 -5.68
N VAL B 432 8.57 -5.33 -4.77
CA VAL B 432 9.85 -6.02 -4.62
C VAL B 432 9.60 -7.44 -4.15
N GLY B 433 10.26 -8.41 -4.78
CA GLY B 433 10.19 -9.81 -4.39
C GLY B 433 8.96 -10.58 -4.81
N GLN B 434 7.92 -9.94 -5.36
CA GLN B 434 6.75 -10.76 -5.69
C GLN B 434 6.90 -11.48 -7.02
N LEU B 435 7.67 -10.94 -7.98
CA LEU B 435 7.87 -11.64 -9.24
C LEU B 435 8.37 -13.06 -9.01
N SER B 436 9.24 -13.25 -8.00
CA SER B 436 9.79 -14.58 -7.77
C SER B 436 8.77 -15.57 -7.19
N ARG B 437 7.57 -15.12 -6.80
CA ARG B 437 6.52 -16.04 -6.36
C ARG B 437 5.34 -16.05 -7.32
N LEU B 438 5.52 -15.60 -8.56
CA LEU B 438 4.39 -15.47 -9.47
C LEU B 438 3.69 -16.80 -9.67
N LYS B 439 4.42 -17.90 -9.55
CA LYS B 439 3.83 -19.23 -9.68
C LYS B 439 2.70 -19.43 -8.68
N ASP B 440 2.79 -18.82 -7.50
CA ASP B 440 1.71 -18.95 -6.52
C ASP B 440 0.41 -18.34 -7.04
N LEU B 441 0.50 -17.29 -7.84
CA LEU B 441 -0.72 -16.68 -8.32
C LEU B 441 -1.23 -17.34 -9.60
N GLN B 442 -0.33 -17.94 -10.39
CA GLN B 442 -0.76 -18.58 -11.62
C GLN B 442 -1.48 -19.90 -11.32
N ALA B 443 -1.08 -20.59 -10.27
CA ALA B 443 -1.47 -21.98 -10.05
C ALA B 443 -2.98 -22.15 -9.98
N ALA B 444 -3.47 -23.21 -10.62
CA ALA B 444 -4.86 -23.60 -10.50
C ALA B 444 -5.14 -24.12 -9.10
N GLU B 445 -6.37 -23.89 -8.62
CA GLU B 445 -6.80 -24.36 -7.30
C GLU B 445 -7.97 -25.31 -7.56
N GLY B 446 -7.68 -26.58 -7.84
CA GLY B 446 -8.74 -27.51 -8.18
C GLY B 446 -9.55 -27.04 -9.38
N ARG B 447 -10.83 -26.76 -9.16
CA ARG B 447 -11.72 -26.31 -10.23
C ARG B 447 -11.78 -24.80 -10.34
N ILE B 448 -10.91 -24.07 -9.66
CA ILE B 448 -10.83 -22.62 -9.81
C ILE B 448 -9.52 -22.31 -10.52
N LEU B 449 -9.61 -21.61 -11.65
CA LEU B 449 -8.45 -21.21 -12.42
C LEU B 449 -8.32 -19.70 -12.35
N PHE B 450 -7.07 -19.24 -12.50
CA PHE B 450 -6.73 -17.84 -12.33
C PHE B 450 -5.97 -17.36 -13.56
N ALA B 451 -6.44 -16.26 -14.13
CA ALA B 451 -5.80 -15.62 -15.27
C ALA B 451 -5.83 -14.12 -15.02
N GLY B 452 -5.56 -13.35 -16.05
CA GLY B 452 -5.40 -11.92 -15.86
C GLY B 452 -3.95 -11.52 -16.05
N ALA B 453 -3.74 -10.26 -16.41
CA ALA B 453 -2.40 -9.83 -16.82
C ALA B 453 -1.34 -9.98 -15.71
N GLU B 454 -1.68 -9.71 -14.45
CA GLU B 454 -0.64 -9.89 -13.42
C GLU B 454 -0.16 -11.34 -13.35
N THR B 455 -0.92 -12.31 -13.89
CA THR B 455 -0.52 -13.72 -13.80
C THR B 455 0.25 -14.21 -15.03
N SER B 456 0.46 -13.37 -16.04
CA SER B 456 1.21 -13.81 -17.20
C SER B 456 2.71 -13.82 -16.92
N ASN B 457 3.45 -14.46 -17.81
CA ASN B 457 4.90 -14.48 -17.72
C ASN B 457 5.55 -13.38 -18.54
N GLY B 458 4.95 -13.00 -19.67
CA GLY B 458 5.59 -12.08 -20.57
C GLY B 458 5.25 -10.62 -20.35
N TRP B 459 4.39 -10.06 -21.20
CA TRP B 459 4.01 -8.65 -21.14
C TRP B 459 2.98 -8.42 -20.04
N HIS B 460 3.45 -8.50 -18.79
CA HIS B 460 2.52 -8.52 -17.67
C HIS B 460 1.82 -7.18 -17.46
N ALA B 461 2.37 -6.08 -17.95
CA ALA B 461 1.72 -4.78 -17.79
C ALA B 461 0.86 -4.41 -18.99
N ASN B 462 0.40 -5.40 -19.74
CA ASN B 462 -0.11 -5.15 -21.09
C ASN B 462 -1.34 -5.98 -21.39
N ILE B 463 -2.05 -5.55 -22.44
CA ILE B 463 -3.13 -6.35 -23.02
C ILE B 463 -2.62 -7.73 -23.40
N ASP B 464 -1.40 -7.79 -23.96
CA ASP B 464 -0.87 -9.06 -24.45
C ASP B 464 -0.71 -10.08 -23.33
N GLY B 465 -0.25 -9.65 -22.16
CA GLY B 465 -0.16 -10.58 -21.04
C GLY B 465 -1.51 -11.11 -20.62
N ALA B 466 -2.55 -10.27 -20.70
CA ALA B 466 -3.90 -10.73 -20.39
C ALA B 466 -4.34 -11.81 -21.38
N VAL B 467 -4.13 -11.57 -22.67
CA VAL B 467 -4.41 -12.59 -23.67
C VAL B 467 -3.64 -13.87 -23.37
N GLU B 468 -2.34 -13.73 -23.12
CA GLU B 468 -1.51 -14.90 -22.79
C GLU B 468 -2.11 -15.74 -21.66
N SER B 469 -2.54 -15.08 -20.57
CA SER B 469 -3.13 -15.83 -19.46
C SER B 469 -4.45 -16.47 -19.86
N GLY B 470 -5.22 -15.83 -20.74
CA GLY B 470 -6.45 -16.41 -21.24
C GLY B 470 -6.23 -17.69 -22.04
N LEU B 471 -5.20 -17.71 -22.88
CA LEU B 471 -4.89 -18.94 -23.58
C LEU B 471 -4.46 -20.04 -22.61
N ARG B 472 -3.72 -19.67 -21.56
CA ARG B 472 -3.33 -20.64 -20.56
C ARG B 472 -4.54 -21.22 -19.83
N ALA B 473 -5.47 -20.34 -19.43
CA ALA B 473 -6.66 -20.80 -18.72
C ALA B 473 -7.50 -21.71 -19.61
N GLY B 474 -7.69 -21.32 -20.87
CA GLY B 474 -8.42 -22.17 -21.80
C GLY B 474 -7.81 -23.56 -21.93
N ARG B 475 -6.49 -23.65 -21.96
CA ARG B 475 -5.84 -24.95 -21.99
C ARG B 475 -6.11 -25.74 -20.71
N GLU B 476 -6.06 -25.08 -19.56
CA GLU B 476 -6.31 -25.76 -18.28
C GLU B 476 -7.77 -26.22 -18.16
N VAL B 477 -8.71 -25.44 -18.68
CA VAL B 477 -10.10 -25.89 -18.73
C VAL B 477 -10.20 -27.18 -19.54
N LYS B 478 -9.56 -27.21 -20.71
CA LYS B 478 -9.63 -28.38 -21.58
C LYS B 478 -9.08 -29.63 -20.89
N GLN B 479 -7.95 -29.51 -20.20
CA GLN B 479 -7.41 -30.66 -19.46
C GLN B 479 -8.33 -31.07 -18.31
N LEU B 480 -9.03 -30.11 -17.71
CA LEU B 480 -9.90 -30.45 -16.59
C LEU B 480 -11.14 -31.19 -17.08
N LEU B 481 -11.82 -30.61 -18.08
CA LEU B 481 -13.08 -31.14 -18.59
C LEU B 481 -12.93 -32.37 -19.47
N SER B 482 -11.73 -32.68 -19.94
CA SER B 482 -11.56 -33.81 -20.84
C SER B 482 -11.84 -35.11 -20.12
PA FAD C . -4.30 -2.13 16.38
O1A FAD C . -3.70 -2.50 17.72
O2A FAD C . -3.37 -2.42 15.22
O5B FAD C . -5.71 -2.99 16.26
C5B FAD C . -6.38 -2.95 15.06
C4B FAD C . -7.00 -4.37 14.91
O4B FAD C . -7.59 -4.50 13.75
C3B FAD C . -5.86 -5.39 14.93
O3B FAD C . -6.09 -6.25 15.95
C2B FAD C . -5.94 -6.08 13.54
O2B FAD C . -5.50 -7.51 13.66
C1B FAD C . -7.21 -5.99 13.27
N9A FAD C . -7.54 -6.03 11.86
C8A FAD C . -6.80 -5.51 10.87
N7A FAD C . -7.45 -5.72 9.73
C5A FAD C . -8.58 -6.36 10.01
C6A FAD C . -9.60 -6.81 9.18
N6A FAD C . -9.76 -6.73 7.72
N1A FAD C . -10.64 -7.43 9.72
C2A FAD C . -10.71 -7.62 11.06
N3A FAD C . -9.72 -7.19 11.87
C4A FAD C . -8.65 -6.55 11.32
N1 FAD C . 2.40 2.69 22.11
C2 FAD C . 2.70 3.20 23.46
O2 FAD C . 1.91 3.93 23.99
N3 FAD C . 3.95 2.83 24.15
C4 FAD C . 4.90 1.94 23.49
O4 FAD C . 5.90 1.62 24.03
C4X FAD C . 4.59 1.43 22.09
N5 FAD C . 5.52 0.53 21.42
C5X FAD C . 5.19 0.01 20.06
C6 FAD C . 6.08 -0.86 19.41
C7 FAD C . 5.76 -1.33 18.14
C7M FAD C . 6.88 -2.26 17.64
C8 FAD C . 4.57 -0.96 17.52
C8M FAD C . 4.26 -1.54 16.10
C9 FAD C . 3.67 -0.10 18.16
C9A FAD C . 3.99 0.38 19.43
N10 FAD C . 3.04 1.30 20.12
C10 FAD C . 3.36 1.81 21.45
C1' FAD C . 1.79 1.72 19.46
C2' FAD C . 0.53 1.04 20.02
O2' FAD C . 0.79 -0.30 20.12
C3' FAD C . -0.53 1.33 18.93
O3' FAD C . -0.66 2.71 18.77
C4' FAD C . -1.87 0.76 19.35
O4' FAD C . -1.75 -0.53 19.80
C5' FAD C . -2.81 0.80 18.12
O5' FAD C . -4.08 0.48 18.61
P FAD C . -5.30 0.35 17.50
O1P FAD C . -6.49 -0.28 18.19
O2P FAD C . -5.58 1.71 16.90
O3P FAD C . -4.75 -0.57 16.24
PA FAD D . -9.35 -6.37 -16.92
O1A FAD D . -9.23 -5.77 -18.31
O2A FAD D . -9.54 -5.25 -15.91
O5B FAD D . -10.68 -7.37 -16.85
C5B FAD D . -10.95 -7.99 -15.63
C4B FAD D . -12.51 -7.94 -15.50
O4B FAD D . -12.90 -8.50 -14.37
C3B FAD D . -12.97 -6.48 -15.47
O3B FAD D . -13.76 -6.21 -16.55
C2B FAD D . -13.74 -6.36 -14.12
O2B FAD D . -14.89 -5.43 -14.24
C1B FAD D . -14.15 -7.57 -13.93
N9A FAD D . -14.44 -7.84 -12.54
C8A FAD D . -13.81 -7.33 -11.47
N7A FAD D . -14.38 -7.86 -10.37
C5A FAD D . -15.35 -8.69 -10.77
C6A FAD D . -16.25 -9.48 -10.07
N6A FAD D . -16.43 -9.69 -8.63
N1A FAD D . -17.13 -10.22 -10.72
C2A FAD D . -17.17 -10.22 -12.09
N3A FAD D . -16.29 -9.44 -12.77
C4A FAD D . -15.39 -8.68 -12.11
N1 FAD D . -1.53 -2.36 -21.79
C2 FAD D . -0.84 -2.29 -23.10
O2 FAD D . -0.45 -3.28 -23.62
N3 FAD D . -0.65 -0.97 -23.77
C4 FAD D . -1.12 0.25 -23.15
O4 FAD D . -0.97 1.29 -23.67
C4X FAD D . -1.80 0.18 -21.80
N5 FAD D . -2.28 1.41 -21.18
C5X FAD D . -2.98 1.34 -19.86
C6 FAD D . -3.44 2.52 -19.26
C7 FAD D . -4.09 2.45 -18.03
C7M FAD D . -4.50 3.85 -17.57
C8 FAD D . -4.27 1.20 -17.41
C8M FAD D . -5.01 1.16 -16.02
C9 FAD D . -3.81 0.02 -18.00
C9A FAD D . -3.16 0.09 -19.23
N10 FAD D . -2.67 -1.17 -19.89
C10 FAD D . -2.00 -1.11 -21.17
C1' FAD D . -2.83 -2.48 -19.23
C2' FAD D . -4.00 -3.25 -19.85
O2' FAD D . -5.06 -2.39 -19.93
C3' FAD D . -4.28 -4.43 -18.90
O3' FAD D . -3.12 -5.15 -18.75
C4' FAD D . -5.34 -5.33 -19.52
O4' FAD D . -6.47 -4.59 -19.83
C5' FAD D . -5.66 -6.39 -18.44
O5' FAD D . -6.74 -7.19 -18.88
P FAD D . -7.37 -8.24 -17.76
O1P FAD D . -8.43 -9.08 -18.43
O2P FAD D . -6.27 -9.10 -17.18
O3P FAD D . -8.05 -7.29 -16.55
#